data_6DK1
#
_entry.id   6DK1
#
_cell.length_a   84.837
_cell.length_b   128.590
_cell.length_c   109.180
_cell.angle_alpha   90.00
_cell.angle_beta   90.00
_cell.angle_gamma   90.00
#
_symmetry.space_group_name_H-M   'P 21 21 2'
#
loop_
_entity.id
_entity.type
_entity.pdbx_description
1 polymer 'Sigma non-opioid intracellular receptor 1'
2 non-polymer (2S,6S,11S)-6,11-dimethyl-3-(3-methylbut-2-en-1-yl)-1,2,3,4,5,6-hexahydro-2,6-methano-3-benzazocin-8-ol
3 non-polymer 'SULFATE ION'
4 non-polymer GLYCEROL
5 non-polymer '(2R)-2,3-dihydroxypropyl (9Z)-octadec-9-enoate'
6 water water
#
_entity_poly.entity_id   1
_entity_poly.type   'polypeptide(L)'
_entity_poly.pdbx_seq_one_letter_code
;GPGSMQWAVGRRWAWAALLLAVAAVLTQVVWLWLGTQSFVFQREEIAQLARQYAGLDHELAFSRLIVELRRLHPGHVLPD
EELQWVFVNAGGWMGAMCLLHASLSEYVLLFGTALGSRGHSGRYWAEISDTIISGTFHQWREGTTKSEVFYPGETVVHGP
GEATAVEWGPNTWMVEYGRGVIPSTLAFALADTVFSTQDFLTLFYTLRSYARGLRLELTTYLFGQDP
;
_entity_poly.pdbx_strand_id   A,B,C
#
# COMPACT_ATOMS: atom_id res chain seq x y z
N ARG A 12 -12.33 -47.06 -28.86
CA ARG A 12 -11.58 -46.51 -27.73
C ARG A 12 -12.37 -45.40 -27.03
N TRP A 13 -13.69 -45.34 -27.29
CA TRP A 13 -14.52 -44.37 -26.61
C TRP A 13 -14.72 -44.73 -25.14
N ALA A 14 -14.86 -46.02 -24.85
CA ALA A 14 -14.98 -46.46 -23.46
C ALA A 14 -13.74 -46.07 -22.65
N TRP A 15 -12.58 -46.02 -23.29
CA TRP A 15 -11.38 -45.57 -22.59
C TRP A 15 -11.49 -44.11 -22.20
N ALA A 16 -12.11 -43.29 -23.06
CA ALA A 16 -12.36 -41.90 -22.70
C ALA A 16 -13.41 -41.78 -21.60
N ALA A 17 -14.42 -42.67 -21.58
CA ALA A 17 -15.46 -42.53 -20.56
C ALA A 17 -15.01 -43.10 -19.20
N LEU A 18 -14.04 -44.00 -19.20
CA LEU A 18 -13.60 -44.60 -17.94
C LEU A 18 -12.95 -43.57 -17.02
N LEU A 19 -12.32 -42.54 -17.59
CA LEU A 19 -11.81 -41.45 -16.77
C LEU A 19 -12.93 -40.74 -16.05
N LEU A 20 -14.04 -40.46 -16.74
CA LEU A 20 -15.19 -39.84 -16.09
C LEU A 20 -15.73 -40.75 -14.98
N ALA A 21 -15.75 -42.06 -15.21
CA ALA A 21 -16.20 -42.99 -14.19
C ALA A 21 -15.34 -42.91 -12.94
N VAL A 22 -14.02 -43.04 -13.11
CA VAL A 22 -13.09 -43.03 -11.99
C VAL A 22 -13.10 -41.68 -11.29
N ALA A 23 -13.28 -40.59 -12.05
CA ALA A 23 -13.33 -39.26 -11.45
C ALA A 23 -14.58 -39.09 -10.61
N ALA A 24 -15.72 -39.60 -11.08
CA ALA A 24 -16.93 -39.58 -10.26
C ALA A 24 -16.72 -40.36 -8.97
N VAL A 25 -16.09 -41.53 -9.06
CA VAL A 25 -15.84 -42.32 -7.85
C VAL A 25 -14.93 -41.57 -6.88
N LEU A 26 -13.87 -40.94 -7.41
CA LEU A 26 -12.94 -40.20 -6.54
C LEU A 26 -13.61 -39.00 -5.90
N THR A 27 -14.46 -38.28 -6.65
CA THR A 27 -15.19 -37.16 -6.07
C THR A 27 -16.17 -37.63 -5.01
N GLN A 28 -16.77 -38.80 -5.21
CA GLN A 28 -17.64 -39.38 -4.19
C GLN A 28 -16.86 -39.68 -2.91
N VAL A 29 -15.65 -40.24 -3.07
CA VAL A 29 -14.80 -40.51 -1.91
C VAL A 29 -14.45 -39.21 -1.18
N VAL A 30 -14.07 -38.18 -1.94
CA VAL A 30 -13.70 -36.91 -1.33
C VAL A 30 -14.88 -36.29 -0.60
N TRP A 31 -16.07 -36.38 -1.20
CA TRP A 31 -17.28 -35.82 -0.57
C TRP A 31 -17.59 -36.56 0.73
N LEU A 32 -17.51 -37.89 0.71
CA LEU A 32 -17.76 -38.64 1.94
C LEU A 32 -16.74 -38.32 3.01
N TRP A 33 -15.47 -38.15 2.63
CA TRP A 33 -14.44 -37.83 3.61
C TRP A 33 -14.63 -36.44 4.18
N LEU A 34 -15.08 -35.49 3.35
CA LEU A 34 -15.36 -34.15 3.86
C LEU A 34 -16.56 -34.16 4.80
N GLY A 35 -17.55 -35.01 4.51
CA GLY A 35 -18.65 -35.15 5.46
C GLY A 35 -18.19 -35.77 6.77
N THR A 36 -17.41 -36.84 6.69
CA THR A 36 -16.86 -37.51 7.87
C THR A 36 -15.56 -36.81 8.27
N GLN A 37 -15.72 -35.59 8.79
CA GLN A 37 -14.59 -34.75 9.16
C GLN A 37 -14.85 -34.16 10.54
N SER A 38 -13.95 -34.44 11.48
CA SER A 38 -13.98 -33.83 12.80
C SER A 38 -12.91 -32.75 12.89
N PHE A 39 -13.13 -31.81 13.79
CA PHE A 39 -12.22 -30.69 13.98
C PHE A 39 -11.35 -30.90 15.21
N VAL A 40 -10.06 -30.59 15.08
CA VAL A 40 -9.14 -30.77 16.19
C VAL A 40 -9.46 -29.82 17.33
N PHE A 41 -9.75 -28.56 17.00
CA PHE A 41 -9.94 -27.51 18.00
C PHE A 41 -11.37 -27.01 18.00
N GLN A 42 -11.81 -26.52 19.15
CA GLN A 42 -13.10 -25.87 19.32
C GLN A 42 -12.89 -24.37 19.56
N ARG A 43 -13.95 -23.61 19.30
CA ARG A 43 -13.85 -22.15 19.42
C ARG A 43 -13.62 -21.72 20.86
N GLU A 44 -14.56 -22.07 21.75
CA GLU A 44 -14.44 -21.65 23.15
C GLU A 44 -13.21 -22.23 23.81
N GLU A 45 -12.69 -23.36 23.32
CA GLU A 45 -11.43 -23.88 23.82
C GLU A 45 -10.30 -22.88 23.64
N ILE A 46 -10.08 -22.44 22.39
CA ILE A 46 -9.05 -21.44 22.11
C ILE A 46 -9.36 -20.15 22.84
N ALA A 47 -10.64 -19.76 22.90
CA ALA A 47 -11.02 -18.52 23.56
C ALA A 47 -10.60 -18.52 25.04
N GLN A 48 -10.98 -19.57 25.78
CA GLN A 48 -10.63 -19.63 27.19
C GLN A 48 -9.13 -19.80 27.39
N LEU A 49 -8.48 -20.61 26.54
CA LEU A 49 -7.03 -20.80 26.68
C LEU A 49 -6.28 -19.49 26.48
N ALA A 50 -6.75 -18.64 25.56
CA ALA A 50 -6.09 -17.36 25.35
C ALA A 50 -6.46 -16.36 26.44
N ARG A 51 -7.71 -16.39 26.92
CA ARG A 51 -8.10 -15.46 27.98
C ARG A 51 -7.39 -15.77 29.29
N GLN A 52 -6.98 -17.03 29.50
CA GLN A 52 -6.21 -17.35 30.70
C GLN A 52 -4.90 -16.56 30.74
N TYR A 53 -4.16 -16.58 29.64
CA TYR A 53 -2.83 -15.97 29.58
C TYR A 53 -2.87 -14.52 29.13
N ALA A 54 -4.03 -13.87 29.25
CA ALA A 54 -4.15 -12.48 28.79
C ALA A 54 -3.35 -11.53 29.68
N GLY A 55 -3.36 -11.76 30.99
CA GLY A 55 -2.67 -10.86 31.91
C GLY A 55 -1.17 -11.01 31.94
N LEU A 56 -0.62 -12.01 31.25
CA LEU A 56 0.81 -12.24 31.25
C LEU A 56 1.50 -11.40 30.17
N ASP A 57 2.83 -11.43 30.19
CA ASP A 57 3.60 -10.84 29.11
C ASP A 57 3.36 -11.63 27.83
N HIS A 58 3.29 -10.93 26.70
CA HIS A 58 2.84 -11.55 25.46
C HIS A 58 3.74 -12.70 25.04
N GLU A 59 5.05 -12.58 25.29
CA GLU A 59 5.96 -13.68 24.98
C GLU A 59 5.73 -14.86 25.91
N LEU A 60 5.62 -14.59 27.21
CA LEU A 60 5.35 -15.64 28.18
C LEU A 60 3.99 -16.28 27.92
N ALA A 61 2.99 -15.47 27.55
CA ALA A 61 1.68 -16.00 27.20
C ALA A 61 1.76 -16.90 25.98
N PHE A 62 2.49 -16.47 24.95
CA PHE A 62 2.67 -17.30 23.76
C PHE A 62 3.31 -18.63 24.12
N SER A 63 4.37 -18.59 24.93
CA SER A 63 5.08 -19.82 25.29
C SER A 63 4.15 -20.77 26.07
N ARG A 64 3.45 -20.23 27.07
CA ARG A 64 2.54 -21.07 27.86
C ARG A 64 1.41 -21.63 27.01
N LEU A 65 0.91 -20.85 26.06
CA LEU A 65 -0.18 -21.32 25.21
C LEU A 65 0.30 -22.42 24.27
N ILE A 66 1.51 -22.29 23.73
CA ILE A 66 2.06 -23.36 22.89
C ILE A 66 2.25 -24.62 23.70
N VAL A 67 2.74 -24.48 24.95
CA VAL A 67 2.92 -25.64 25.82
C VAL A 67 1.58 -26.34 26.06
N GLU A 68 0.55 -25.57 26.45
CA GLU A 68 -0.73 -26.18 26.75
C GLU A 68 -1.39 -26.77 25.50
N LEU A 69 -1.16 -26.16 24.33
CA LEU A 69 -1.76 -26.70 23.11
C LEU A 69 -1.06 -27.98 22.68
N ARG A 70 0.26 -28.07 22.85
CA ARG A 70 0.94 -29.32 22.59
C ARG A 70 0.51 -30.40 23.57
N ARG A 71 0.22 -30.01 24.82
CA ARG A 71 -0.31 -30.98 25.78
C ARG A 71 -1.68 -31.49 25.37
N LEU A 72 -2.62 -30.57 25.08
CA LEU A 72 -3.99 -30.98 24.81
C LEU A 72 -4.13 -31.68 23.47
N HIS A 73 -3.33 -31.31 22.47
CA HIS A 73 -3.43 -31.89 21.14
C HIS A 73 -2.04 -32.20 20.61
N PRO A 74 -1.51 -33.38 20.92
CA PRO A 74 -0.21 -33.77 20.37
C PRO A 74 -0.32 -34.14 18.91
N GLY A 75 0.77 -33.93 18.17
CA GLY A 75 0.80 -34.18 16.74
C GLY A 75 0.10 -33.14 15.90
N HIS A 76 -0.63 -32.21 16.50
CA HIS A 76 -1.33 -31.17 15.76
C HIS A 76 -0.75 -29.78 16.02
N VAL A 77 0.43 -29.70 16.64
CA VAL A 77 1.13 -28.44 16.86
C VAL A 77 2.55 -28.60 16.35
N LEU A 78 3.07 -27.55 15.72
CA LEU A 78 4.39 -27.61 15.12
C LEU A 78 5.48 -27.64 16.19
N PRO A 79 6.64 -28.22 15.88
CA PRO A 79 7.76 -28.22 16.83
C PRO A 79 8.48 -26.88 16.84
N ASP A 80 9.31 -26.70 17.88
CA ASP A 80 10.04 -25.44 18.03
C ASP A 80 10.97 -25.19 16.85
N GLU A 81 11.45 -26.25 16.20
CA GLU A 81 12.35 -26.07 15.06
C GLU A 81 11.62 -25.51 13.85
N GLU A 82 10.31 -25.77 13.75
CA GLU A 82 9.51 -25.28 12.62
C GLU A 82 8.67 -24.07 12.98
N LEU A 83 8.76 -23.58 14.22
CA LEU A 83 8.13 -22.31 14.58
C LEU A 83 8.97 -21.16 14.05
N GLN A 84 8.32 -20.18 13.45
CA GLN A 84 9.01 -19.06 12.84
C GLN A 84 8.07 -17.86 12.75
N TRP A 85 8.56 -16.69 13.15
CA TRP A 85 7.82 -15.45 12.98
C TRP A 85 7.96 -14.96 11.55
N VAL A 86 6.83 -14.77 10.87
CA VAL A 86 6.81 -14.35 9.47
C VAL A 86 5.89 -13.14 9.35
N PHE A 87 6.34 -12.16 8.56
CA PHE A 87 5.55 -10.95 8.34
C PHE A 87 4.36 -11.24 7.45
N VAL A 88 3.35 -10.37 7.54
CA VAL A 88 2.12 -10.47 6.77
C VAL A 88 1.75 -9.07 6.32
N ASN A 89 1.79 -8.83 5.01
CA ASN A 89 1.33 -7.58 4.42
C ASN A 89 0.11 -7.91 3.57
N ALA A 90 -1.05 -7.41 3.98
CA ALA A 90 -2.27 -7.74 3.28
C ALA A 90 -3.32 -6.66 3.55
N GLY A 91 -4.13 -6.38 2.54
CA GLY A 91 -5.20 -5.40 2.68
C GLY A 91 -4.76 -4.03 3.13
N GLY A 92 -3.48 -3.70 2.92
CA GLY A 92 -2.94 -2.45 3.38
C GLY A 92 -2.32 -2.50 4.77
N TRP A 93 -2.71 -3.45 5.60
CA TRP A 93 -2.17 -3.56 6.94
C TRP A 93 -0.95 -4.49 6.96
N MET A 94 -0.13 -4.31 7.99
CA MET A 94 1.09 -5.09 8.17
C MET A 94 1.16 -5.61 9.60
N GLY A 95 1.53 -6.88 9.73
CA GLY A 95 1.74 -7.49 11.03
C GLY A 95 2.72 -8.64 10.96
N ALA A 96 2.77 -9.44 12.02
CA ALA A 96 3.56 -10.66 12.06
C ALA A 96 2.72 -11.78 12.65
N MET A 97 3.10 -13.01 12.31
CA MET A 97 2.38 -14.18 12.75
C MET A 97 3.33 -15.35 12.95
N CYS A 98 2.96 -16.25 13.84
CA CYS A 98 3.64 -17.52 14.06
C CYS A 98 2.58 -18.63 14.03
N LEU A 99 2.70 -19.52 13.05
CA LEU A 99 1.68 -20.52 12.78
C LEU A 99 1.93 -21.76 13.63
N LEU A 100 0.95 -22.14 14.46
CA LEU A 100 1.08 -23.33 15.28
C LEU A 100 0.47 -24.56 14.64
N HIS A 101 -0.59 -24.38 13.84
CA HIS A 101 -1.32 -25.50 13.26
C HIS A 101 -2.03 -24.99 12.01
N ALA A 102 -2.09 -25.84 10.98
CA ALA A 102 -2.72 -25.44 9.74
C ALA A 102 -3.16 -26.68 8.96
N SER A 103 -4.38 -26.63 8.43
CA SER A 103 -4.91 -27.68 7.58
C SER A 103 -5.78 -27.03 6.51
N LEU A 104 -6.39 -27.86 5.67
CA LEU A 104 -7.32 -27.34 4.67
C LEU A 104 -8.61 -26.84 5.30
N SER A 105 -8.87 -27.21 6.56
CA SER A 105 -10.09 -26.81 7.26
C SER A 105 -9.85 -25.79 8.34
N GLU A 106 -8.81 -25.97 9.15
CA GLU A 106 -8.57 -25.12 10.31
C GLU A 106 -7.16 -24.55 10.27
N TYR A 107 -6.95 -23.50 11.05
CA TYR A 107 -5.62 -22.98 11.29
C TYR A 107 -5.60 -22.30 12.65
N VAL A 108 -4.42 -22.30 13.28
CA VAL A 108 -4.20 -21.66 14.57
C VAL A 108 -2.86 -20.92 14.51
N LEU A 109 -2.84 -19.69 14.97
CA LEU A 109 -1.60 -18.92 14.92
C LEU A 109 -1.65 -17.75 15.90
N LEU A 110 -0.48 -17.36 16.36
CA LEU A 110 -0.32 -16.13 17.13
C LEU A 110 -0.08 -14.99 16.16
N PHE A 111 -0.81 -13.89 16.34
CA PHE A 111 -0.74 -12.78 15.40
C PHE A 111 -0.56 -11.48 16.16
N GLY A 112 -0.08 -10.46 15.46
CA GLY A 112 -0.09 -9.13 16.04
C GLY A 112 0.74 -8.15 15.25
N THR A 113 1.01 -7.02 15.89
CA THR A 113 1.85 -5.97 15.33
C THR A 113 2.33 -5.07 16.47
N ALA A 114 3.60 -4.69 16.42
CA ALA A 114 4.21 -3.87 17.46
C ALA A 114 3.98 -2.38 17.23
N LEU A 115 3.84 -1.96 15.98
CA LEU A 115 3.65 -0.55 15.66
C LEU A 115 2.18 -0.16 15.57
N GLY A 116 1.32 -1.11 15.24
CA GLY A 116 -0.07 -0.84 14.93
C GLY A 116 -0.29 -0.67 13.43
N SER A 117 -1.53 -0.90 13.01
CA SER A 117 -1.85 -0.82 11.60
C SER A 117 -3.36 -0.66 11.43
N ARG A 118 -3.76 -0.30 10.22
CA ARG A 118 -5.17 -0.17 9.85
C ARG A 118 -5.35 -0.69 8.44
N GLY A 119 -6.46 -1.36 8.18
CA GLY A 119 -6.68 -1.86 6.83
C GLY A 119 -7.95 -2.66 6.70
N HIS A 120 -8.01 -3.39 5.58
CA HIS A 120 -9.14 -4.24 5.21
C HIS A 120 -9.08 -5.55 5.99
N SER A 121 -10.23 -6.23 6.05
CA SER A 121 -10.33 -7.51 6.75
C SER A 121 -10.26 -8.71 5.83
N GLY A 122 -10.72 -8.57 4.60
CA GLY A 122 -10.73 -9.65 3.65
C GLY A 122 -12.11 -10.26 3.51
N ARG A 123 -12.37 -10.84 2.33
CA ARG A 123 -13.63 -11.52 2.02
C ARG A 123 -13.31 -12.94 1.56
N TYR A 124 -12.99 -13.81 2.51
CA TYR A 124 -12.66 -15.20 2.24
C TYR A 124 -13.72 -16.13 2.82
N TRP A 125 -13.67 -17.40 2.41
CA TRP A 125 -14.62 -18.41 2.85
C TRP A 125 -14.10 -19.08 4.13
N ALA A 126 -14.15 -18.32 5.22
CA ALA A 126 -13.66 -18.81 6.50
C ALA A 126 -14.18 -17.93 7.63
N GLU A 127 -14.39 -18.56 8.78
CA GLU A 127 -14.75 -17.84 10.01
C GLU A 127 -13.52 -17.73 10.88
N ILE A 128 -13.17 -16.50 11.26
CA ILE A 128 -11.97 -16.23 12.03
C ILE A 128 -12.36 -15.84 13.45
N SER A 129 -11.53 -16.23 14.42
CA SER A 129 -11.77 -15.93 15.82
C SER A 129 -10.47 -15.42 16.44
N ASP A 130 -10.46 -14.15 16.85
CA ASP A 130 -9.28 -13.50 17.40
C ASP A 130 -9.51 -13.19 18.87
N THR A 131 -8.74 -13.82 19.74
CA THR A 131 -8.78 -13.55 21.18
C THR A 131 -7.54 -12.74 21.55
N ILE A 132 -7.74 -11.63 22.23
CA ILE A 132 -6.70 -10.63 22.42
C ILE A 132 -5.87 -10.96 23.66
N ILE A 133 -4.56 -10.96 23.50
CA ILE A 133 -3.65 -11.10 24.63
C ILE A 133 -3.22 -9.72 25.16
N SER A 134 -2.90 -8.79 24.27
CA SER A 134 -2.51 -7.46 24.68
C SER A 134 -2.85 -6.47 23.58
N GLY A 135 -3.01 -5.21 23.96
CA GLY A 135 -3.31 -4.16 23.01
C GLY A 135 -4.79 -3.89 22.84
N THR A 136 -5.18 -3.40 21.67
CA THR A 136 -6.58 -3.13 21.36
C THR A 136 -6.89 -3.63 19.95
N PHE A 137 -8.16 -3.90 19.71
CA PHE A 137 -8.64 -4.29 18.39
C PHE A 137 -9.87 -3.44 18.06
N HIS A 138 -9.75 -2.57 17.06
CA HIS A 138 -10.87 -1.78 16.60
C HIS A 138 -11.43 -2.42 15.35
N GLN A 139 -12.74 -2.64 15.33
CA GLN A 139 -13.44 -3.21 14.19
C GLN A 139 -14.54 -2.26 13.74
N TRP A 140 -14.63 -2.06 12.43
CA TRP A 140 -15.64 -1.19 11.83
C TRP A 140 -16.40 -2.02 10.80
N ARG A 141 -17.67 -2.31 11.09
CA ARG A 141 -18.42 -3.25 10.28
C ARG A 141 -18.96 -2.57 9.02
N GLU A 142 -19.25 -3.40 8.01
CA GLU A 142 -19.76 -2.90 6.75
C GLU A 142 -21.16 -2.33 6.91
N GLY A 143 -21.40 -1.19 6.28
CA GLY A 143 -22.68 -0.52 6.37
C GLY A 143 -22.91 0.25 7.65
N THR A 144 -21.96 0.27 8.57
CA THR A 144 -22.06 0.98 9.82
C THR A 144 -21.24 2.27 9.78
N THR A 145 -21.58 3.20 10.66
CA THR A 145 -20.89 4.47 10.78
C THR A 145 -20.18 4.65 12.12
N LYS A 146 -20.23 3.65 12.99
CA LYS A 146 -19.52 3.67 14.26
C LYS A 146 -18.54 2.50 14.31
N SER A 147 -17.70 2.50 15.33
CA SER A 147 -16.71 1.46 15.50
C SER A 147 -16.90 0.75 16.83
N GLU A 148 -16.26 -0.41 16.95
CA GLU A 148 -16.28 -1.21 18.17
C GLU A 148 -14.85 -1.51 18.59
N VAL A 149 -14.63 -1.62 19.89
CA VAL A 149 -13.31 -1.84 20.46
C VAL A 149 -13.34 -3.12 21.28
N PHE A 150 -12.23 -3.85 21.24
CA PHE A 150 -12.03 -5.05 22.03
C PHE A 150 -10.70 -4.93 22.75
N TYR A 151 -10.74 -5.14 24.06
CA TYR A 151 -9.61 -5.01 24.97
C TYR A 151 -9.07 -6.38 25.34
N PRO A 152 -7.90 -6.46 25.96
CA PRO A 152 -7.29 -7.77 26.24
C PRO A 152 -8.22 -8.70 27.00
N GLY A 153 -8.34 -9.93 26.50
CA GLY A 153 -9.22 -10.94 27.07
C GLY A 153 -10.44 -11.22 26.24
N GLU A 154 -10.88 -10.25 25.44
CA GLU A 154 -12.09 -10.39 24.64
C GLU A 154 -11.80 -11.07 23.31
N THR A 155 -12.84 -11.66 22.74
CA THR A 155 -12.75 -12.39 21.47
C THR A 155 -13.66 -11.73 20.45
N VAL A 156 -13.17 -11.61 19.21
CA VAL A 156 -13.92 -11.04 18.10
C VAL A 156 -13.98 -12.06 16.98
N VAL A 157 -15.16 -12.24 16.40
CA VAL A 157 -15.38 -13.19 15.31
C VAL A 157 -15.57 -12.41 14.02
N HIS A 158 -14.86 -12.85 12.98
CA HIS A 158 -15.00 -12.33 11.63
C HIS A 158 -15.69 -13.40 10.81
N GLY A 159 -16.97 -13.17 10.48
CA GLY A 159 -17.79 -14.16 9.81
C GLY A 159 -17.36 -14.42 8.39
N PRO A 160 -17.90 -15.50 7.80
CA PRO A 160 -17.56 -15.84 6.41
C PRO A 160 -18.28 -14.90 5.44
N GLY A 161 -17.55 -14.40 4.45
CA GLY A 161 -18.11 -13.48 3.49
C GLY A 161 -18.41 -12.10 4.01
N GLU A 162 -17.74 -11.68 5.08
CA GLU A 162 -17.94 -10.37 5.67
C GLU A 162 -16.68 -9.53 5.54
N ALA A 163 -16.87 -8.24 5.28
CA ALA A 163 -15.76 -7.29 5.16
C ALA A 163 -15.89 -6.24 6.26
N THR A 164 -14.80 -6.03 6.99
CA THR A 164 -14.73 -4.99 8.00
C THR A 164 -13.43 -4.22 7.83
N ALA A 165 -13.30 -3.15 8.61
CA ALA A 165 -12.06 -2.39 8.73
C ALA A 165 -11.44 -2.69 10.08
N VAL A 166 -10.15 -3.05 10.08
CA VAL A 166 -9.46 -3.45 11.29
C VAL A 166 -8.41 -2.40 11.63
N GLU A 167 -8.21 -2.20 12.94
CA GLU A 167 -7.22 -1.26 13.46
C GLU A 167 -6.59 -1.85 14.71
N TRP A 168 -5.29 -2.13 14.65
CA TRP A 168 -4.54 -2.64 15.79
C TRP A 168 -3.64 -1.53 16.32
N GLY A 169 -3.72 -1.28 17.63
CA GLY A 169 -2.92 -0.26 18.25
C GLY A 169 -1.47 -0.71 18.43
N PRO A 170 -0.67 0.16 19.04
CA PRO A 170 0.74 -0.20 19.28
C PRO A 170 0.83 -1.37 20.25
N ASN A 171 1.73 -2.30 19.93
CA ASN A 171 2.01 -3.48 20.77
C ASN A 171 0.73 -4.29 21.02
N THR A 172 0.13 -4.74 19.93
CA THR A 172 -1.09 -5.52 19.97
C THR A 172 -0.79 -6.96 19.55
N TRP A 173 -1.26 -7.91 20.34
CA TRP A 173 -0.98 -9.32 20.11
C TRP A 173 -2.17 -10.16 20.52
N MET A 174 -2.42 -11.22 19.76
CA MET A 174 -3.64 -12.00 19.88
C MET A 174 -3.39 -13.44 19.44
N VAL A 175 -4.32 -14.32 19.81
CA VAL A 175 -4.36 -15.70 19.34
C VAL A 175 -5.50 -15.82 18.35
N GLU A 176 -5.30 -16.57 17.27
CA GLU A 176 -6.27 -16.63 16.20
C GLU A 176 -6.51 -18.08 15.79
N TYR A 177 -7.78 -18.41 15.57
CA TYR A 177 -8.20 -19.73 15.16
C TYR A 177 -9.27 -19.59 14.09
N GLY A 178 -9.00 -20.11 12.91
CA GLY A 178 -9.92 -20.01 11.78
C GLY A 178 -10.38 -21.38 11.32
N ARG A 179 -11.64 -21.45 10.87
CA ARG A 179 -12.25 -22.69 10.43
C ARG A 179 -13.05 -22.43 9.16
N GLY A 180 -12.65 -23.05 8.06
CA GLY A 180 -13.35 -22.87 6.81
C GLY A 180 -12.55 -23.45 5.65
N VAL A 181 -12.69 -22.80 4.49
CA VAL A 181 -11.93 -23.17 3.29
C VAL A 181 -10.67 -22.31 3.31
N ILE A 182 -9.63 -22.82 3.97
CA ILE A 182 -8.41 -22.02 4.16
C ILE A 182 -7.72 -21.69 2.84
N PRO A 183 -7.66 -22.57 1.83
CA PRO A 183 -7.06 -22.15 0.55
C PRO A 183 -7.68 -20.90 -0.07
N SER A 184 -8.92 -20.56 0.28
CA SER A 184 -9.51 -19.33 -0.23
C SER A 184 -8.89 -18.09 0.40
N THR A 185 -8.48 -18.19 1.68
CA THR A 185 -7.83 -17.07 2.35
C THR A 185 -6.44 -16.77 1.80
N LEU A 186 -5.91 -17.63 0.93
CA LEU A 186 -4.54 -17.46 0.43
C LEU A 186 -4.44 -16.40 -0.64
N ALA A 187 -5.53 -16.14 -1.39
CA ALA A 187 -5.50 -15.08 -2.39
C ALA A 187 -5.34 -13.72 -1.74
N PHE A 188 -6.09 -13.46 -0.66
CA PHE A 188 -5.89 -12.24 0.13
C PHE A 188 -4.53 -12.25 0.82
N ALA A 189 -3.90 -13.40 0.97
CA ALA A 189 -2.67 -13.51 1.74
C ALA A 189 -1.45 -13.00 0.96
N LEU A 190 -1.42 -13.19 -0.35
CA LEU A 190 -0.25 -12.89 -1.15
C LEU A 190 -0.44 -11.68 -2.06
N ALA A 191 -1.54 -10.94 -1.91
CA ALA A 191 -1.78 -9.78 -2.76
C ALA A 191 -0.73 -8.70 -2.54
N ASP A 192 -0.68 -8.15 -1.33
CA ASP A 192 0.29 -7.09 -1.05
C ASP A 192 1.72 -7.59 -1.09
N THR A 193 1.95 -8.88 -0.82
CA THR A 193 3.30 -9.41 -0.87
C THR A 193 3.87 -9.34 -2.28
N VAL A 194 3.02 -9.45 -3.30
CA VAL A 194 3.47 -9.46 -4.69
C VAL A 194 3.37 -8.05 -5.28
N PHE A 195 2.35 -7.29 -4.87
CA PHE A 195 2.03 -6.02 -5.50
C PHE A 195 2.33 -4.81 -4.64
N SER A 196 3.01 -4.98 -3.51
CA SER A 196 3.28 -3.84 -2.64
C SER A 196 4.66 -3.91 -2.00
N THR A 197 5.04 -5.09 -1.50
CA THR A 197 6.31 -5.25 -0.83
C THR A 197 7.36 -5.95 -1.67
N GLN A 198 6.96 -6.85 -2.57
CA GLN A 198 7.87 -7.66 -3.36
C GLN A 198 8.83 -8.45 -2.48
N ASP A 199 8.40 -8.74 -1.25
CA ASP A 199 9.21 -9.49 -0.29
C ASP A 199 8.97 -10.98 -0.55
N PHE A 200 9.61 -11.48 -1.60
CA PHE A 200 9.41 -12.87 -2.01
C PHE A 200 9.98 -13.85 -0.99
N LEU A 201 10.95 -13.42 -0.17
CA LEU A 201 11.42 -14.28 0.90
C LEU A 201 10.33 -14.54 1.93
N THR A 202 9.58 -13.50 2.29
CA THR A 202 8.47 -13.67 3.22
C THR A 202 7.35 -14.49 2.60
N LEU A 203 7.13 -14.34 1.28
CA LEU A 203 6.17 -15.18 0.59
C LEU A 203 6.57 -16.65 0.67
N PHE A 204 7.85 -16.94 0.41
CA PHE A 204 8.35 -18.30 0.52
C PHE A 204 8.22 -18.83 1.94
N TYR A 205 8.48 -17.97 2.93
CA TYR A 205 8.35 -18.40 4.32
C TYR A 205 6.90 -18.73 4.67
N THR A 206 5.95 -17.93 4.19
CA THR A 206 4.54 -18.19 4.47
C THR A 206 4.11 -19.50 3.81
N LEU A 207 4.46 -19.68 2.53
CA LEU A 207 4.11 -20.90 1.84
C LEU A 207 4.75 -22.12 2.51
N ARG A 208 5.99 -21.97 2.99
CA ARG A 208 6.67 -23.08 3.64
C ARG A 208 6.03 -23.42 4.99
N SER A 209 5.56 -22.40 5.72
CA SER A 209 4.86 -22.67 6.97
C SER A 209 3.55 -23.40 6.72
N TYR A 210 2.81 -22.99 5.69
CA TYR A 210 1.58 -23.71 5.37
C TYR A 210 1.86 -25.14 4.95
N ALA A 211 2.93 -25.34 4.16
CA ALA A 211 3.31 -26.69 3.74
C ALA A 211 3.73 -27.54 4.93
N ARG A 212 4.44 -26.95 5.89
CA ARG A 212 4.85 -27.68 7.08
C ARG A 212 3.65 -28.09 7.92
N GLY A 213 2.68 -27.18 8.06
CA GLY A 213 1.46 -27.54 8.78
C GLY A 213 0.71 -28.68 8.10
N LEU A 214 0.57 -28.61 6.78
CA LEU A 214 -0.08 -29.70 6.04
C LEU A 214 0.69 -31.01 6.21
N ARG A 215 2.02 -30.95 6.16
CA ARG A 215 2.84 -32.15 6.32
C ARG A 215 2.66 -32.76 7.70
N LEU A 216 2.66 -31.92 8.73
CA LEU A 216 2.45 -32.42 10.09
C LEU A 216 1.10 -33.10 10.22
N GLU A 217 0.04 -32.45 9.71
CA GLU A 217 -1.28 -33.06 9.82
C GLU A 217 -1.36 -34.37 9.03
N LEU A 218 -0.73 -34.41 7.85
CA LEU A 218 -0.75 -35.63 7.04
C LEU A 218 -0.04 -36.77 7.75
N THR A 219 1.19 -36.52 8.22
CA THR A 219 1.95 -37.57 8.89
C THR A 219 1.33 -37.96 10.22
N THR A 220 0.55 -37.08 10.85
CA THR A 220 -0.17 -37.47 12.06
C THR A 220 -1.36 -38.36 11.72
N TYR A 221 -2.07 -38.04 10.63
CA TYR A 221 -3.20 -38.87 10.23
C TYR A 221 -2.77 -40.20 9.63
N LEU A 222 -1.53 -40.31 9.14
CA LEU A 222 -1.06 -41.48 8.43
C LEU A 222 -0.03 -42.30 9.20
N PHE A 223 0.84 -41.65 9.98
CA PHE A 223 1.97 -42.31 10.65
C PHE A 223 2.88 -43.00 9.63
N SER B 4 72.82 -17.70 -32.45
CA SER B 4 72.27 -18.59 -33.48
C SER B 4 70.75 -18.68 -33.36
N MET B 5 70.22 -19.88 -33.53
CA MET B 5 68.79 -20.14 -33.40
C MET B 5 68.32 -20.19 -31.95
N GLN B 6 69.23 -20.07 -30.99
CA GLN B 6 68.89 -20.33 -29.59
C GLN B 6 68.02 -19.23 -29.01
N TRP B 7 68.32 -17.97 -29.32
CA TRP B 7 67.59 -16.85 -28.74
C TRP B 7 66.55 -16.25 -29.67
N ALA B 8 66.54 -16.64 -30.94
CA ALA B 8 65.59 -16.08 -31.89
C ALA B 8 64.18 -16.57 -31.59
N VAL B 9 63.20 -15.67 -31.74
CA VAL B 9 61.81 -15.95 -31.45
C VAL B 9 60.97 -15.62 -32.68
N GLY B 10 60.00 -16.46 -32.98
CA GLY B 10 59.09 -16.21 -34.08
C GLY B 10 58.14 -15.06 -33.78
N ARG B 11 57.44 -14.64 -34.82
CA ARG B 11 56.57 -13.46 -34.76
C ARG B 11 55.11 -13.80 -34.44
N ARG B 12 54.55 -14.82 -35.11
CA ARG B 12 53.16 -15.19 -34.85
C ARG B 12 52.99 -15.71 -33.42
N TRP B 13 53.97 -16.46 -32.92
CA TRP B 13 53.94 -16.89 -31.53
C TRP B 13 53.92 -15.70 -30.59
N ALA B 14 54.73 -14.67 -30.88
CA ALA B 14 54.74 -13.48 -30.04
C ALA B 14 53.42 -12.73 -30.12
N TRP B 15 52.81 -12.68 -31.30
CA TRP B 15 51.51 -12.05 -31.44
C TRP B 15 50.45 -12.73 -30.59
N ALA B 16 50.37 -14.07 -30.69
CA ALA B 16 49.38 -14.79 -29.90
C ALA B 16 49.70 -14.72 -28.41
N ALA B 17 50.98 -14.73 -28.05
CA ALA B 17 51.35 -14.62 -26.64
C ALA B 17 50.97 -13.26 -26.07
N LEU B 18 51.15 -12.18 -26.85
CA LEU B 18 50.75 -10.86 -26.39
C LEU B 18 49.24 -10.76 -26.30
N LEU B 19 48.51 -11.40 -27.22
CA LEU B 19 47.06 -11.43 -27.10
C LEU B 19 46.62 -12.11 -25.81
N LEU B 20 47.19 -13.28 -25.51
CA LEU B 20 46.85 -13.98 -24.28
C LEU B 20 47.25 -13.16 -23.05
N ALA B 21 48.39 -12.46 -23.13
CA ALA B 21 48.85 -11.65 -22.00
C ALA B 21 47.89 -10.49 -21.75
N VAL B 22 47.47 -9.80 -22.81
CA VAL B 22 46.52 -8.71 -22.65
C VAL B 22 45.19 -9.23 -22.12
N ALA B 23 44.76 -10.40 -22.59
CA ALA B 23 43.52 -11.00 -22.09
C ALA B 23 43.62 -11.26 -20.59
N ALA B 24 44.73 -11.85 -20.15
CA ALA B 24 44.90 -12.14 -18.73
C ALA B 24 44.98 -10.85 -17.90
N VAL B 25 45.73 -9.86 -18.39
CA VAL B 25 45.88 -8.60 -17.65
C VAL B 25 44.53 -7.91 -17.52
N LEU B 26 43.72 -7.91 -18.58
CA LEU B 26 42.42 -7.26 -18.50
C LEU B 26 41.46 -8.03 -17.60
N THR B 27 41.43 -9.37 -17.72
CA THR B 27 40.60 -10.15 -16.82
C THR B 27 41.03 -10.03 -15.36
N GLN B 28 42.29 -9.66 -15.13
CA GLN B 28 42.74 -9.46 -13.75
C GLN B 28 42.41 -8.06 -13.24
N VAL B 29 42.58 -7.02 -14.06
CA VAL B 29 42.26 -5.67 -13.62
C VAL B 29 40.75 -5.40 -13.59
N VAL B 30 39.95 -6.27 -14.23
CA VAL B 30 38.49 -6.17 -14.08
C VAL B 30 38.10 -6.47 -12.64
N TRP B 31 38.81 -7.40 -11.99
CA TRP B 31 38.55 -7.66 -10.57
C TRP B 31 38.85 -6.42 -9.73
N LEU B 32 39.85 -5.64 -10.13
CA LEU B 32 40.28 -4.47 -9.38
C LEU B 32 39.25 -3.36 -9.46
N TRP B 33 38.18 -3.59 -10.24
CA TRP B 33 37.02 -2.71 -10.19
C TRP B 33 36.36 -2.73 -8.82
N LEU B 34 36.60 -3.77 -8.02
CA LEU B 34 36.21 -3.77 -6.62
C LEU B 34 37.36 -3.42 -5.69
N GLY B 35 38.56 -3.19 -6.22
CA GLY B 35 39.71 -2.93 -5.37
C GLY B 35 39.82 -1.48 -4.91
N THR B 36 39.32 -0.54 -5.71
CA THR B 36 39.31 0.88 -5.35
C THR B 36 37.86 1.37 -5.44
N GLN B 37 37.04 0.92 -4.47
CA GLN B 37 35.64 1.35 -4.43
C GLN B 37 35.52 2.86 -4.31
N SER B 38 36.33 3.46 -3.43
CA SER B 38 36.43 4.92 -3.30
C SER B 38 35.06 5.56 -3.14
N PHE B 39 34.31 5.07 -2.16
CA PHE B 39 33.03 5.68 -1.82
C PHE B 39 33.23 7.14 -1.45
N VAL B 40 32.55 8.04 -2.15
CA VAL B 40 32.70 9.47 -1.94
C VAL B 40 32.44 9.91 -0.51
N PHE B 41 31.86 9.02 0.30
CA PHE B 41 31.53 9.31 1.68
C PHE B 41 32.08 8.19 2.56
N GLN B 42 32.87 8.55 3.57
CA GLN B 42 33.61 7.56 4.35
C GLN B 42 32.68 6.90 5.36
N ARG B 43 32.14 5.73 4.99
CA ARG B 43 31.27 4.94 5.85
C ARG B 43 30.12 5.80 6.40
N GLU B 44 30.10 6.03 7.71
CA GLU B 44 29.04 6.84 8.33
C GLU B 44 29.53 8.28 8.49
N GLU B 45 29.67 8.94 7.33
CA GLU B 45 29.99 10.36 7.30
C GLU B 45 28.74 11.24 7.23
N ILE B 46 27.72 10.78 6.50
CA ILE B 46 26.48 11.56 6.37
C ILE B 46 25.79 11.69 7.72
N ALA B 47 25.81 10.62 8.53
CA ALA B 47 25.21 10.69 9.85
C ALA B 47 25.97 11.65 10.76
N GLN B 48 27.31 11.54 10.77
CA GLN B 48 28.13 12.42 11.59
C GLN B 48 27.98 13.88 11.16
N LEU B 49 27.65 14.12 9.89
CA LEU B 49 27.40 15.48 9.44
C LEU B 49 26.01 15.96 9.84
N ALA B 50 24.98 15.18 9.50
CA ALA B 50 23.61 15.61 9.74
C ALA B 50 23.27 15.69 11.22
N ARG B 51 24.03 15.01 12.09
CA ARG B 51 23.80 15.15 13.52
C ARG B 51 24.17 16.53 14.04
N GLN B 52 24.86 17.35 13.24
CA GLN B 52 25.26 18.69 13.65
C GLN B 52 24.19 19.73 13.41
N TYR B 53 23.31 19.51 12.43
CA TYR B 53 22.26 20.47 12.08
C TYR B 53 20.87 20.00 12.47
N ALA B 54 20.76 18.86 13.17
CA ALA B 54 19.47 18.24 13.39
C ALA B 54 18.58 19.05 14.33
N GLY B 55 19.18 19.78 15.28
CA GLY B 55 18.38 20.47 16.28
C GLY B 55 17.54 21.59 15.73
N LEU B 56 17.94 22.19 14.61
CA LEU B 56 17.26 23.35 14.06
C LEU B 56 15.95 22.93 13.39
N ASP B 57 15.23 23.92 12.87
CA ASP B 57 14.06 23.65 12.04
C ASP B 57 14.50 22.91 10.78
N HIS B 58 13.62 22.05 10.27
CA HIS B 58 14.03 21.11 9.23
C HIS B 58 14.35 21.80 7.90
N GLU B 59 13.70 22.93 7.60
CA GLU B 59 13.96 23.58 6.32
C GLU B 59 15.32 24.27 6.32
N LEU B 60 15.62 25.05 7.36
CA LEU B 60 16.94 25.68 7.46
C LEU B 60 18.03 24.63 7.56
N ALA B 61 17.75 23.53 8.27
CA ALA B 61 18.71 22.44 8.36
C ALA B 61 18.97 21.82 6.99
N PHE B 62 17.92 21.59 6.21
CA PHE B 62 18.09 21.08 4.85
C PHE B 62 18.93 22.02 4.01
N SER B 63 18.62 23.33 4.07
CA SER B 63 19.36 24.29 3.26
C SER B 63 20.83 24.31 3.62
N ARG B 64 21.13 24.40 4.92
CA ARG B 64 22.53 24.46 5.35
C ARG B 64 23.26 23.15 5.06
N LEU B 65 22.56 22.01 5.15
CA LEU B 65 23.18 20.73 4.83
C LEU B 65 23.52 20.66 3.34
N ILE B 66 22.61 21.12 2.48
CA ILE B 66 22.89 21.11 1.05
C ILE B 66 24.06 22.03 0.73
N VAL B 67 24.11 23.20 1.38
CA VAL B 67 25.21 24.13 1.13
C VAL B 67 26.54 23.50 1.55
N GLU B 68 26.60 22.96 2.77
CA GLU B 68 27.83 22.35 3.26
C GLU B 68 28.24 21.14 2.42
N LEU B 69 27.27 20.36 1.93
CA LEU B 69 27.62 19.19 1.13
C LEU B 69 28.12 19.58 -0.25
N ARG B 70 27.54 20.63 -0.85
CA ARG B 70 28.09 21.15 -2.09
C ARG B 70 29.49 21.70 -1.87
N ARG B 71 29.75 22.29 -0.70
CA ARG B 71 31.11 22.75 -0.38
C ARG B 71 32.07 21.57 -0.30
N LEU B 72 31.70 20.52 0.43
CA LEU B 72 32.60 19.40 0.69
C LEU B 72 32.90 18.61 -0.58
N HIS B 73 31.87 18.02 -1.19
CA HIS B 73 32.09 17.23 -2.39
C HIS B 73 31.47 17.93 -3.60
N PRO B 74 32.19 18.85 -4.24
CA PRO B 74 31.60 19.59 -5.35
C PRO B 74 31.60 18.77 -6.63
N GLY B 75 30.59 19.05 -7.46
CA GLY B 75 30.37 18.31 -8.69
C GLY B 75 29.60 17.03 -8.54
N HIS B 76 29.42 16.53 -7.32
CA HIS B 76 28.68 15.29 -7.07
C HIS B 76 27.33 15.53 -6.42
N VAL B 77 26.90 16.78 -6.32
CA VAL B 77 25.62 17.14 -5.73
C VAL B 77 24.81 17.92 -6.76
N LEU B 78 23.52 17.60 -6.84
CA LEU B 78 22.66 18.25 -7.82
C LEU B 78 22.52 19.75 -7.53
N PRO B 79 22.33 20.56 -8.55
CA PRO B 79 22.14 22.00 -8.35
C PRO B 79 20.71 22.32 -7.94
N ASP B 80 20.51 23.57 -7.51
CA ASP B 80 19.20 23.99 -7.00
C ASP B 80 18.13 23.94 -8.08
N GLU B 81 18.50 23.98 -9.36
CA GLU B 81 17.51 23.90 -10.42
C GLU B 81 16.90 22.52 -10.55
N GLU B 82 17.58 21.48 -10.07
CA GLU B 82 17.11 20.11 -10.17
C GLU B 82 16.76 19.51 -8.81
N LEU B 83 16.44 20.34 -7.82
CA LEU B 83 16.03 19.88 -6.50
C LEU B 83 14.51 19.98 -6.42
N GLN B 84 13.84 18.83 -6.43
CA GLN B 84 12.38 18.78 -6.45
C GLN B 84 11.90 17.75 -5.44
N TRP B 85 10.96 18.15 -4.58
CA TRP B 85 10.29 17.20 -3.71
C TRP B 85 9.37 16.31 -4.53
N VAL B 86 9.49 15.00 -4.36
CA VAL B 86 8.64 14.05 -5.06
C VAL B 86 8.03 13.09 -4.05
N PHE B 87 6.73 12.85 -4.21
CA PHE B 87 6.05 11.88 -3.36
C PHE B 87 6.61 10.48 -3.60
N VAL B 88 6.50 9.63 -2.57
CA VAL B 88 7.16 8.33 -2.53
C VAL B 88 6.22 7.36 -1.82
N ASN B 89 5.61 6.45 -2.56
CA ASN B 89 4.69 5.48 -1.99
C ASN B 89 5.21 4.08 -2.27
N ALA B 90 5.41 3.29 -1.20
CA ALA B 90 5.90 1.94 -1.37
C ALA B 90 5.69 1.17 -0.06
N GLY B 91 5.57 -0.15 -0.19
CA GLY B 91 5.43 -1.02 0.96
C GLY B 91 4.24 -0.71 1.84
N GLY B 92 3.26 0.04 1.34
CA GLY B 92 2.11 0.42 2.13
C GLY B 92 2.26 1.73 2.87
N TRP B 93 3.37 2.45 2.69
CA TRP B 93 3.58 3.73 3.34
C TRP B 93 3.82 4.81 2.30
N MET B 94 3.68 6.06 2.74
CA MET B 94 3.82 7.23 1.88
C MET B 94 4.64 8.31 2.56
N GLY B 95 5.56 8.90 1.81
CA GLY B 95 6.34 10.03 2.26
C GLY B 95 6.78 10.83 1.06
N ALA B 96 7.92 11.50 1.17
CA ALA B 96 8.46 12.30 0.09
C ALA B 96 9.97 12.36 0.22
N MET B 97 10.62 12.59 -0.93
CA MET B 97 12.07 12.61 -1.01
C MET B 97 12.54 13.76 -1.88
N CYS B 98 13.78 14.16 -1.65
CA CYS B 98 14.48 15.14 -2.48
C CYS B 98 15.90 14.62 -2.68
N LEU B 99 16.21 14.22 -3.90
CA LEU B 99 17.47 13.54 -4.20
C LEU B 99 18.60 14.55 -4.32
N LEU B 100 19.71 14.30 -3.62
CA LEU B 100 20.88 15.16 -3.68
C LEU B 100 22.07 14.49 -4.34
N HIS B 101 22.02 13.19 -4.58
CA HIS B 101 23.13 12.44 -5.15
C HIS B 101 22.60 11.09 -5.61
N ALA B 102 23.04 10.65 -6.78
CA ALA B 102 22.55 9.40 -7.35
C ALA B 102 23.64 8.74 -8.18
N SER B 103 23.85 7.45 -7.94
CA SER B 103 24.79 6.66 -8.73
C SER B 103 24.34 5.20 -8.65
N LEU B 104 25.06 4.33 -9.37
CA LEU B 104 24.70 2.92 -9.40
C LEU B 104 25.13 2.17 -8.14
N SER B 105 26.00 2.75 -7.32
CA SER B 105 26.47 2.10 -6.10
C SER B 105 26.07 2.82 -4.83
N GLU B 106 25.62 4.07 -4.90
CA GLU B 106 25.24 4.80 -3.71
C GLU B 106 24.30 5.94 -4.08
N TYR B 107 23.49 6.35 -3.10
CA TYR B 107 22.53 7.43 -3.30
C TYR B 107 22.40 8.22 -2.01
N VAL B 108 22.08 9.51 -2.14
CA VAL B 108 21.85 10.41 -1.01
C VAL B 108 20.60 11.23 -1.29
N LEU B 109 19.75 11.36 -0.28
CA LEU B 109 18.53 12.15 -0.44
C LEU B 109 18.07 12.63 0.94
N LEU B 110 17.01 13.45 0.93
CA LEU B 110 16.32 13.89 2.12
C LEU B 110 14.91 13.33 2.08
N PHE B 111 14.54 12.57 3.11
CA PHE B 111 13.26 11.86 3.14
C PHE B 111 12.42 12.34 4.32
N GLY B 112 11.12 12.12 4.23
CA GLY B 112 10.27 12.27 5.38
C GLY B 112 8.81 12.44 5.00
N THR B 113 8.01 12.79 6.01
CA THR B 113 6.60 13.05 5.81
C THR B 113 6.09 13.92 6.95
N ALA B 114 5.04 14.69 6.65
CA ALA B 114 4.43 15.55 7.65
C ALA B 114 3.34 14.86 8.44
N LEU B 115 2.62 13.94 7.83
CA LEU B 115 1.51 13.25 8.48
C LEU B 115 1.93 11.98 9.18
N GLY B 116 3.11 11.45 8.91
CA GLY B 116 3.50 10.15 9.39
C GLY B 116 2.94 9.03 8.53
N SER B 117 3.59 7.87 8.62
CA SER B 117 3.18 6.74 7.79
C SER B 117 3.82 5.47 8.32
N ARG B 118 3.09 4.36 8.19
CA ARG B 118 3.57 3.05 8.60
C ARG B 118 3.55 2.12 7.41
N GLY B 119 4.48 1.17 7.38
CA GLY B 119 4.51 0.22 6.29
C GLY B 119 5.71 -0.69 6.37
N HIS B 120 6.02 -1.32 5.23
CA HIS B 120 7.08 -2.31 5.11
C HIS B 120 8.34 -1.65 4.56
N SER B 121 9.49 -2.07 5.09
CA SER B 121 10.76 -1.46 4.69
C SER B 121 11.14 -1.87 3.27
N GLY B 122 11.34 -3.16 3.04
CA GLY B 122 11.73 -3.65 1.72
C GLY B 122 12.95 -4.54 1.81
N ARG B 123 13.02 -5.51 0.90
CA ARG B 123 14.12 -6.47 0.85
C ARG B 123 14.95 -6.20 -0.40
N TYR B 124 15.86 -5.24 -0.30
CA TYR B 124 16.77 -4.90 -1.38
C TYR B 124 18.21 -5.01 -0.88
N TRP B 125 19.13 -5.16 -1.83
CA TRP B 125 20.55 -5.27 -1.52
C TRP B 125 21.11 -3.87 -1.33
N ALA B 126 21.03 -3.37 -0.09
CA ALA B 126 21.48 -2.02 0.21
C ALA B 126 21.61 -1.83 1.71
N GLU B 127 22.62 -1.07 2.12
CA GLU B 127 22.77 -0.64 3.51
C GLU B 127 22.32 0.82 3.59
N ILE B 128 21.16 1.03 4.19
CA ILE B 128 20.51 2.34 4.24
C ILE B 128 20.81 3.00 5.58
N SER B 129 21.13 4.28 5.56
CA SER B 129 21.45 5.04 6.76
C SER B 129 20.52 6.26 6.84
N ASP B 130 19.48 6.16 7.67
CA ASP B 130 18.51 7.24 7.85
C ASP B 130 18.88 8.01 9.12
N THR B 131 19.41 9.22 8.94
CA THR B 131 19.81 10.07 10.05
C THR B 131 18.72 11.11 10.30
N ILE B 132 18.09 11.03 11.47
CA ILE B 132 16.93 11.86 11.76
C ILE B 132 17.34 13.30 11.99
N ILE B 133 16.56 14.23 11.43
CA ILE B 133 16.69 15.65 11.73
C ILE B 133 15.57 16.12 12.64
N SER B 134 14.33 15.71 12.38
CA SER B 134 13.20 16.12 13.21
C SER B 134 12.17 15.00 13.24
N GLY B 135 11.56 14.80 14.41
CA GLY B 135 10.50 13.82 14.53
C GLY B 135 10.90 12.53 15.23
N THR B 136 10.25 11.42 14.85
CA THR B 136 10.52 10.12 15.47
C THR B 136 10.65 9.06 14.38
N PHE B 137 11.27 7.95 14.76
CA PHE B 137 11.36 6.77 13.90
C PHE B 137 11.03 5.55 14.75
N HIS B 138 10.20 4.66 14.22
CA HIS B 138 9.87 3.41 14.89
C HIS B 138 10.24 2.26 13.98
N GLN B 139 11.14 1.40 14.45
CA GLN B 139 11.60 0.25 13.68
C GLN B 139 11.20 -1.04 14.40
N TRP B 140 10.68 -1.99 13.64
CA TRP B 140 10.31 -3.30 14.17
C TRP B 140 11.05 -4.35 13.35
N ARG B 141 12.11 -4.92 13.93
CA ARG B 141 12.89 -5.90 13.21
C ARG B 141 12.12 -7.21 13.03
N GLU B 142 12.58 -8.01 12.07
CA GLU B 142 11.94 -9.29 11.81
C GLU B 142 12.31 -10.30 12.88
N GLY B 143 11.31 -11.06 13.33
CA GLY B 143 11.51 -12.11 14.31
C GLY B 143 11.26 -11.71 15.74
N THR B 144 11.23 -10.41 16.03
CA THR B 144 11.01 -9.93 17.39
C THR B 144 9.56 -9.49 17.57
N THR B 145 9.19 -9.23 18.82
CA THR B 145 7.88 -8.71 19.16
C THR B 145 7.96 -7.33 19.79
N LYS B 146 9.14 -6.73 19.84
CA LYS B 146 9.35 -5.38 20.35
C LYS B 146 9.80 -4.47 19.21
N SER B 147 9.92 -3.18 19.51
CA SER B 147 10.33 -2.20 18.52
C SER B 147 11.26 -1.18 19.15
N GLU B 148 12.17 -0.65 18.34
CA GLU B 148 13.07 0.40 18.74
C GLU B 148 12.55 1.75 18.27
N VAL B 149 12.87 2.80 19.02
CA VAL B 149 12.49 4.16 18.68
C VAL B 149 13.76 5.01 18.57
N PHE B 150 13.79 5.87 17.57
CA PHE B 150 14.92 6.74 17.28
C PHE B 150 14.45 8.18 17.27
N TYR B 151 15.18 9.04 17.97
CA TYR B 151 14.86 10.44 18.16
C TYR B 151 15.85 11.34 17.41
N PRO B 152 15.55 12.66 17.30
CA PRO B 152 16.46 13.55 16.58
C PRO B 152 17.89 13.51 17.10
N GLY B 153 18.83 13.22 16.20
CA GLY B 153 20.23 13.07 16.54
C GLY B 153 20.78 11.66 16.39
N GLU B 154 19.93 10.66 16.18
CA GLU B 154 20.36 9.28 16.04
C GLU B 154 20.26 8.84 14.58
N THR B 155 20.64 7.58 14.33
CA THR B 155 20.70 7.05 12.97
C THR B 155 20.18 5.63 12.94
N VAL B 156 19.30 5.34 11.97
CA VAL B 156 18.77 4.00 11.74
C VAL B 156 19.60 3.35 10.63
N VAL B 157 20.07 2.14 10.89
CA VAL B 157 20.90 1.38 9.95
C VAL B 157 20.07 0.21 9.46
N HIS B 158 19.50 0.33 8.27
CA HIS B 158 18.76 -0.75 7.63
C HIS B 158 19.76 -1.62 6.87
N GLY B 159 19.99 -2.83 7.36
CA GLY B 159 20.97 -3.73 6.78
C GLY B 159 20.56 -4.25 5.42
N PRO B 160 21.51 -4.84 4.69
CA PRO B 160 21.21 -5.41 3.38
C PRO B 160 20.47 -6.74 3.53
N GLY B 161 19.37 -6.88 2.79
CA GLY B 161 18.57 -8.08 2.84
C GLY B 161 17.61 -8.18 4.01
N GLU B 162 17.64 -7.23 4.94
CA GLU B 162 16.75 -7.26 6.09
C GLU B 162 15.32 -6.93 5.66
N ALA B 163 14.41 -6.96 6.63
CA ALA B 163 13.01 -6.60 6.40
C ALA B 163 12.43 -6.15 7.72
N THR B 164 12.10 -4.87 7.83
CA THR B 164 11.56 -4.30 9.06
C THR B 164 10.21 -3.65 8.79
N ALA B 165 9.48 -3.39 9.87
CA ALA B 165 8.28 -2.58 9.84
C ALA B 165 8.66 -1.17 10.26
N VAL B 166 8.39 -0.19 9.38
CA VAL B 166 8.80 1.18 9.58
C VAL B 166 7.59 2.03 9.93
N GLU B 167 7.79 2.98 10.84
CA GLU B 167 6.76 3.94 11.22
C GLU B 167 7.39 5.31 11.43
N TRP B 168 6.74 6.34 10.90
CA TRP B 168 7.19 7.72 11.05
C TRP B 168 6.05 8.54 11.64
N GLY B 169 6.33 9.21 12.76
CA GLY B 169 5.35 10.05 13.41
C GLY B 169 5.11 11.33 12.64
N PRO B 170 4.38 12.26 13.26
CA PRO B 170 4.13 13.56 12.60
C PRO B 170 5.41 14.37 12.50
N ASN B 171 5.54 15.08 11.38
CA ASN B 171 6.64 16.02 11.14
C ASN B 171 8.00 15.33 11.29
N THR B 172 8.19 14.28 10.48
CA THR B 172 9.44 13.52 10.48
C THR B 172 10.24 13.85 9.22
N TRP B 173 11.50 14.21 9.42
CA TRP B 173 12.39 14.59 8.33
C TRP B 173 13.79 14.12 8.67
N MET B 174 14.44 13.48 7.69
CA MET B 174 15.73 12.83 7.92
C MET B 174 16.52 12.89 6.61
N VAL B 175 17.81 12.62 6.72
CA VAL B 175 18.67 12.43 5.55
C VAL B 175 18.90 10.94 5.39
N GLU B 176 19.19 10.51 4.16
CA GLU B 176 19.32 9.10 3.87
C GLU B 176 20.45 8.87 2.89
N TYR B 177 21.31 7.89 3.20
CA TYR B 177 22.44 7.52 2.38
C TYR B 177 22.47 6.00 2.26
N GLY B 178 22.60 5.50 1.04
CA GLY B 178 22.56 4.06 0.82
C GLY B 178 23.58 3.55 -0.18
N ARG B 179 24.24 2.45 0.18
CA ARG B 179 25.19 1.76 -0.68
C ARG B 179 24.56 0.49 -1.23
N GLY B 180 25.06 0.03 -2.38
CA GLY B 180 24.66 -1.25 -2.93
C GLY B 180 24.07 -1.10 -4.33
N VAL B 181 23.49 -2.19 -4.81
CA VAL B 181 22.85 -2.22 -6.13
C VAL B 181 21.56 -1.42 -6.09
N ILE B 182 21.64 -0.14 -6.45
CA ILE B 182 20.49 0.75 -6.33
C ILE B 182 19.34 0.32 -7.22
N PRO B 183 19.53 -0.16 -8.46
CA PRO B 183 18.37 -0.62 -9.24
C PRO B 183 17.51 -1.65 -8.54
N SER B 184 18.10 -2.48 -7.67
CA SER B 184 17.28 -3.40 -6.87
C SER B 184 16.33 -2.63 -5.96
N THR B 185 16.83 -1.54 -5.35
CA THR B 185 15.96 -0.69 -4.55
C THR B 185 14.92 0.02 -5.41
N LEU B 186 15.29 0.38 -6.64
CA LEU B 186 14.36 1.10 -7.51
C LEU B 186 13.23 0.19 -8.00
N ALA B 187 13.50 -1.11 -8.13
CA ALA B 187 12.46 -2.04 -8.56
C ALA B 187 11.32 -2.10 -7.54
N PHE B 188 11.67 -2.14 -6.25
CA PHE B 188 10.67 -2.09 -5.19
C PHE B 188 10.14 -0.68 -4.94
N ALA B 189 10.94 0.34 -5.29
CA ALA B 189 10.61 1.70 -4.91
C ALA B 189 9.34 2.21 -5.57
N LEU B 190 8.98 1.67 -6.74
CA LEU B 190 7.90 2.20 -7.54
C LEU B 190 6.81 1.15 -7.78
N ALA B 191 6.63 0.22 -6.84
CA ALA B 191 5.62 -0.80 -6.98
C ALA B 191 4.24 -0.27 -6.62
N ASP B 192 4.12 0.42 -5.48
CA ASP B 192 2.84 1.03 -5.11
C ASP B 192 2.42 2.07 -6.14
N THR B 193 3.38 2.80 -6.70
CA THR B 193 3.06 3.78 -7.74
C THR B 193 2.37 3.12 -8.93
N VAL B 194 2.75 1.88 -9.25
CA VAL B 194 2.10 1.18 -10.35
C VAL B 194 0.76 0.59 -9.90
N PHE B 195 0.71 -0.01 -8.71
CA PHE B 195 -0.43 -0.83 -8.32
C PHE B 195 -1.29 -0.22 -7.22
N SER B 196 -1.03 1.01 -6.79
CA SER B 196 -1.83 1.60 -5.73
C SER B 196 -2.24 3.04 -6.05
N THR B 197 -1.28 3.95 -6.11
CA THR B 197 -1.59 5.35 -6.40
C THR B 197 -1.88 5.57 -7.88
N GLN B 198 -1.26 4.79 -8.76
CA GLN B 198 -1.36 4.98 -10.21
C GLN B 198 -1.02 6.41 -10.62
N ASP B 199 -0.12 7.04 -9.86
CA ASP B 199 0.34 8.40 -10.14
C ASP B 199 1.56 8.29 -11.06
N PHE B 200 1.28 8.17 -12.35
CA PHE B 200 2.37 7.99 -13.32
C PHE B 200 3.22 9.24 -13.42
N LEU B 201 2.67 10.42 -13.10
CA LEU B 201 3.46 11.64 -13.12
C LEU B 201 4.53 11.61 -12.04
N THR B 202 4.22 11.06 -10.87
CA THR B 202 5.23 10.91 -9.83
C THR B 202 6.29 9.89 -10.24
N LEU B 203 5.88 8.82 -10.92
CA LEU B 203 6.83 7.86 -11.48
C LEU B 203 7.79 8.56 -12.45
N PHE B 204 7.23 9.38 -13.35
CA PHE B 204 8.04 10.16 -14.28
C PHE B 204 9.01 11.07 -13.52
N TYR B 205 8.52 11.75 -12.47
CA TYR B 205 9.36 12.68 -11.74
C TYR B 205 10.52 11.97 -11.06
N THR B 206 10.24 10.83 -10.41
CA THR B 206 11.29 10.10 -9.72
C THR B 206 12.31 9.52 -10.69
N LEU B 207 11.85 8.96 -11.82
CA LEU B 207 12.79 8.44 -12.81
C LEU B 207 13.61 9.56 -13.42
N ARG B 208 13.01 10.73 -13.66
CA ARG B 208 13.74 11.86 -14.20
C ARG B 208 14.78 12.37 -13.21
N SER B 209 14.45 12.38 -11.92
CA SER B 209 15.41 12.80 -10.91
C SER B 209 16.58 11.82 -10.83
N TYR B 210 16.30 10.51 -10.91
CA TYR B 210 17.39 9.55 -10.93
C TYR B 210 18.25 9.71 -12.17
N ALA B 211 17.61 10.01 -13.32
CA ALA B 211 18.37 10.24 -14.55
C ALA B 211 19.22 11.49 -14.44
N ARG B 212 18.71 12.55 -13.80
CA ARG B 212 19.51 13.75 -13.58
C ARG B 212 20.71 13.44 -12.70
N GLY B 213 20.52 12.66 -11.64
CA GLY B 213 21.64 12.28 -10.79
C GLY B 213 22.68 11.48 -11.56
N LEU B 214 22.24 10.52 -12.37
CA LEU B 214 23.19 9.73 -13.16
C LEU B 214 23.93 10.60 -14.17
N ARG B 215 23.22 11.53 -14.82
CA ARG B 215 23.87 12.42 -15.77
C ARG B 215 24.91 13.30 -15.08
N LEU B 216 24.56 13.83 -13.91
CA LEU B 216 25.51 14.67 -13.16
C LEU B 216 26.74 13.87 -12.76
N GLU B 217 26.55 12.63 -12.32
CA GLU B 217 27.71 11.82 -11.93
C GLU B 217 28.52 11.37 -13.14
N LEU B 218 27.90 11.28 -14.32
CA LEU B 218 28.65 10.90 -15.51
C LEU B 218 29.47 12.07 -16.05
N THR B 219 28.84 13.22 -16.24
CA THR B 219 29.56 14.37 -16.78
C THR B 219 30.50 15.01 -15.77
N THR B 220 30.62 14.46 -14.57
CA THR B 220 31.62 14.90 -13.59
C THR B 220 32.88 14.04 -13.64
N TYR B 221 32.72 12.74 -13.82
CA TYR B 221 33.87 11.85 -14.03
C TYR B 221 34.56 12.11 -15.37
N LEU B 222 33.86 12.70 -16.33
CA LEU B 222 34.41 13.01 -17.64
C LEU B 222 34.71 14.50 -17.83
N PHE B 223 34.81 15.24 -16.73
CA PHE B 223 35.09 16.68 -16.81
C PHE B 223 35.56 17.21 -15.45
N GLN C 6 -12.41 17.82 -64.30
CA GLN C 6 -12.14 17.37 -62.94
C GLN C 6 -10.83 16.60 -62.87
N TRP C 7 -10.33 16.38 -61.65
CA TRP C 7 -9.11 15.62 -61.44
C TRP C 7 -9.26 14.77 -60.18
N ALA C 8 -8.31 13.86 -59.99
CA ALA C 8 -8.30 12.96 -58.85
C ALA C 8 -7.25 13.41 -57.84
N VAL C 9 -7.20 12.71 -56.71
CA VAL C 9 -6.25 12.99 -55.63
C VAL C 9 -5.56 11.71 -55.24
N GLY C 10 -4.26 11.81 -54.96
CA GLY C 10 -3.48 10.64 -54.60
C GLY C 10 -3.93 10.02 -53.28
N ARG C 11 -3.43 8.81 -53.03
CA ARG C 11 -3.79 8.09 -51.82
C ARG C 11 -3.17 8.72 -50.59
N ARG C 12 -1.84 8.94 -50.61
CA ARG C 12 -1.19 9.61 -49.50
C ARG C 12 -1.68 11.04 -49.34
N TRP C 13 -2.06 11.69 -50.45
CA TRP C 13 -2.68 13.00 -50.38
C TRP C 13 -4.06 12.91 -49.74
N ALA C 14 -4.85 11.90 -50.12
CA ALA C 14 -6.14 11.69 -49.49
C ALA C 14 -5.99 11.34 -48.02
N TRP C 15 -4.88 10.70 -47.64
CA TRP C 15 -4.64 10.40 -46.24
C TRP C 15 -4.57 11.68 -45.41
N ALA C 16 -3.71 12.62 -45.81
CA ALA C 16 -3.59 13.88 -45.09
C ALA C 16 -4.86 14.72 -45.22
N ALA C 17 -5.54 14.67 -46.36
CA ALA C 17 -6.78 15.42 -46.54
C ALA C 17 -7.85 14.93 -45.58
N LEU C 18 -8.05 13.62 -45.50
CA LEU C 18 -9.00 13.06 -44.54
C LEU C 18 -8.56 13.29 -43.12
N LEU C 19 -7.25 13.31 -42.86
CA LEU C 19 -6.76 13.65 -41.53
C LEU C 19 -7.19 15.05 -41.14
N LEU C 20 -7.01 16.01 -42.04
CA LEU C 20 -7.41 17.39 -41.76
C LEU C 20 -8.92 17.50 -41.60
N ALA C 21 -9.67 16.79 -42.44
CA ALA C 21 -11.14 16.83 -42.34
C ALA C 21 -11.61 16.28 -41.01
N VAL C 22 -11.08 15.12 -40.60
CA VAL C 22 -11.46 14.53 -39.33
C VAL C 22 -11.01 15.41 -38.17
N ALA C 23 -9.85 16.06 -38.31
CA ALA C 23 -9.39 16.97 -37.26
C ALA C 23 -10.37 18.12 -37.07
N ALA C 24 -10.75 18.78 -38.17
CA ALA C 24 -11.70 19.88 -38.08
C ALA C 24 -13.03 19.42 -37.48
N VAL C 25 -13.56 18.30 -37.99
CA VAL C 25 -14.86 17.81 -37.53
C VAL C 25 -14.82 17.49 -36.04
N LEU C 26 -13.80 16.73 -35.61
CA LEU C 26 -13.74 16.30 -34.22
C LEU C 26 -13.46 17.47 -33.28
N THR C 27 -12.62 18.43 -33.68
CA THR C 27 -12.37 19.58 -32.83
C THR C 27 -13.63 20.42 -32.66
N GLN C 28 -14.33 20.70 -33.76
CA GLN C 28 -15.54 21.50 -33.64
C GLN C 28 -16.65 20.73 -32.92
N VAL C 29 -16.67 19.41 -33.04
CA VAL C 29 -17.69 18.62 -32.34
C VAL C 29 -17.41 18.59 -30.84
N VAL C 30 -16.14 18.46 -30.46
CA VAL C 30 -15.79 18.52 -29.04
C VAL C 30 -16.06 19.89 -28.47
N TRP C 31 -15.88 20.94 -29.28
CA TRP C 31 -16.19 22.29 -28.81
C TRP C 31 -17.69 22.47 -28.62
N LEU C 32 -18.49 22.02 -29.59
CA LEU C 32 -19.94 22.06 -29.45
C LEU C 32 -20.40 21.22 -28.26
N TRP C 33 -19.68 20.14 -27.96
CA TRP C 33 -19.97 19.32 -26.79
C TRP C 33 -19.71 20.11 -25.51
N LEU C 34 -18.52 20.70 -25.39
CA LEU C 34 -18.17 21.45 -24.19
C LEU C 34 -19.08 22.64 -23.97
N GLY C 35 -19.54 23.28 -25.05
CA GLY C 35 -20.40 24.43 -24.93
C GLY C 35 -21.79 24.11 -24.40
N THR C 36 -22.24 22.87 -24.54
CA THR C 36 -23.56 22.46 -24.10
C THR C 36 -23.54 21.72 -22.77
N GLN C 37 -22.45 21.83 -22.02
CA GLN C 37 -22.36 21.18 -20.72
C GLN C 37 -23.28 21.89 -19.72
N SER C 38 -24.10 21.11 -19.02
CA SER C 38 -25.11 21.65 -18.11
C SER C 38 -24.89 21.05 -16.71
N PHE C 39 -24.07 21.72 -15.91
CA PHE C 39 -23.82 21.26 -14.55
C PHE C 39 -25.05 21.49 -13.68
N VAL C 40 -25.51 20.41 -13.04
CA VAL C 40 -26.72 20.50 -12.21
C VAL C 40 -26.41 21.23 -10.90
N PHE C 41 -25.30 20.90 -10.26
CA PHE C 41 -24.88 21.54 -9.03
C PHE C 41 -23.79 22.56 -9.31
N GLN C 42 -23.83 23.69 -8.60
CA GLN C 42 -22.84 24.72 -8.81
C GLN C 42 -21.52 24.33 -8.16
N ARG C 43 -20.49 25.13 -8.42
CA ARG C 43 -19.15 24.79 -7.98
C ARG C 43 -19.02 24.83 -6.45
N GLU C 44 -19.88 25.61 -5.78
CA GLU C 44 -19.81 25.78 -4.33
C GLU C 44 -21.16 25.55 -3.66
N GLU C 45 -22.15 25.02 -4.38
CA GLU C 45 -23.47 24.82 -3.81
C GLU C 45 -23.47 23.72 -2.75
N ILE C 46 -22.82 22.60 -3.06
CA ILE C 46 -22.78 21.47 -2.13
C ILE C 46 -22.15 21.88 -0.81
N ALA C 47 -21.06 22.64 -0.86
CA ALA C 47 -20.39 23.06 0.36
C ALA C 47 -21.23 24.06 1.14
N GLN C 48 -21.79 25.07 0.44
CA GLN C 48 -22.60 26.07 1.10
C GLN C 48 -23.89 25.49 1.67
N LEU C 49 -24.31 24.31 1.21
CA LEU C 49 -25.45 23.64 1.82
C LEU C 49 -25.06 22.71 2.96
N ALA C 50 -24.00 21.93 2.79
CA ALA C 50 -23.56 20.99 3.82
C ALA C 50 -22.98 21.70 5.04
N ARG C 51 -22.48 22.92 4.87
CA ARG C 51 -21.99 23.67 6.03
C ARG C 51 -23.11 23.97 7.02
N GLN C 52 -24.36 24.02 6.54
CA GLN C 52 -25.50 24.29 7.40
C GLN C 52 -25.87 23.11 8.29
N TYR C 53 -25.26 21.94 8.09
CA TYR C 53 -25.52 20.78 8.91
C TYR C 53 -24.30 20.27 9.66
N ALA C 54 -23.12 20.85 9.42
CA ALA C 54 -21.91 20.43 10.12
C ALA C 54 -22.03 20.75 11.61
N GLY C 55 -21.70 19.78 12.45
CA GLY C 55 -21.82 19.90 13.89
C GLY C 55 -22.92 19.05 14.49
N LEU C 56 -23.88 18.60 13.67
CA LEU C 56 -24.93 17.74 14.15
C LEU C 56 -24.43 16.29 14.22
N ASP C 57 -25.32 15.39 14.65
CA ASP C 57 -25.03 13.97 14.52
C ASP C 57 -24.91 13.63 13.04
N HIS C 58 -23.80 12.99 12.68
CA HIS C 58 -23.52 12.74 11.27
C HIS C 58 -24.65 11.98 10.59
N GLU C 59 -25.32 11.08 11.31
CA GLU C 59 -26.48 10.39 10.74
C GLU C 59 -27.61 11.36 10.49
N LEU C 60 -27.93 12.20 11.48
CA LEU C 60 -29.00 13.18 11.32
C LEU C 60 -28.65 14.19 10.23
N ALA C 61 -27.39 14.64 10.21
CA ALA C 61 -26.96 15.58 9.18
C ALA C 61 -27.06 14.98 7.79
N PHE C 62 -26.66 13.72 7.64
CA PHE C 62 -26.76 13.06 6.35
C PHE C 62 -28.22 12.91 5.92
N SER C 63 -29.10 12.53 6.84
CA SER C 63 -30.51 12.38 6.49
C SER C 63 -31.10 13.72 6.05
N ARG C 64 -30.82 14.78 6.80
CA ARG C 64 -31.35 16.09 6.46
C ARG C 64 -30.79 16.59 5.12
N LEU C 65 -29.50 16.37 4.89
CA LEU C 65 -28.89 16.78 3.62
C LEU C 65 -29.50 16.01 2.46
N ILE C 66 -29.75 14.71 2.63
CA ILE C 66 -30.34 13.92 1.56
C ILE C 66 -31.75 14.39 1.26
N VAL C 67 -32.53 14.68 2.31
CA VAL C 67 -33.88 15.20 2.10
C VAL C 67 -33.83 16.53 1.38
N GLU C 68 -32.90 17.41 1.77
CA GLU C 68 -32.82 18.72 1.14
C GLU C 68 -32.37 18.63 -0.32
N LEU C 69 -31.45 17.71 -0.62
CA LEU C 69 -31.01 17.55 -2.00
C LEU C 69 -32.08 16.92 -2.87
N ARG C 70 -32.88 16.00 -2.30
CA ARG C 70 -34.01 15.48 -3.06
C ARG C 70 -35.09 16.52 -3.26
N ARG C 71 -35.20 17.48 -2.33
CA ARG C 71 -36.18 18.55 -2.49
C ARG C 71 -35.75 19.58 -3.52
N LEU C 72 -34.47 19.96 -3.52
CA LEU C 72 -34.00 21.03 -4.39
C LEU C 72 -33.77 20.55 -5.83
N HIS C 73 -33.36 19.29 -6.01
CA HIS C 73 -33.08 18.74 -7.33
C HIS C 73 -33.84 17.43 -7.49
N PRO C 74 -35.13 17.50 -7.82
CA PRO C 74 -35.91 16.27 -8.01
C PRO C 74 -35.50 15.56 -9.29
N GLY C 75 -35.17 14.28 -9.18
CA GLY C 75 -34.78 13.48 -10.31
C GLY C 75 -33.28 13.25 -10.43
N HIS C 76 -32.47 13.89 -9.60
CA HIS C 76 -31.02 13.75 -9.66
C HIS C 76 -30.43 13.20 -8.37
N VAL C 77 -31.26 12.70 -7.45
CA VAL C 77 -30.80 12.08 -6.22
C VAL C 77 -31.44 10.70 -6.11
N LEU C 78 -30.62 9.70 -5.80
CA LEU C 78 -31.08 8.32 -5.79
C LEU C 78 -32.17 8.13 -4.73
N PRO C 79 -33.07 7.17 -4.93
CA PRO C 79 -34.12 6.92 -3.93
C PRO C 79 -33.53 6.29 -2.67
N ASP C 80 -34.39 6.20 -1.65
CA ASP C 80 -33.97 5.58 -0.39
C ASP C 80 -33.57 4.13 -0.58
N GLU C 81 -34.15 3.44 -1.57
CA GLU C 81 -33.84 2.03 -1.76
C GLU C 81 -32.45 1.84 -2.35
N GLU C 82 -32.03 2.73 -3.25
CA GLU C 82 -30.75 2.61 -3.93
C GLU C 82 -29.61 3.26 -3.16
N LEU C 83 -29.81 3.61 -1.90
CA LEU C 83 -28.75 4.16 -1.06
C LEU C 83 -28.10 3.02 -0.29
N GLN C 84 -26.77 2.89 -0.45
CA GLN C 84 -26.05 1.78 0.14
C GLN C 84 -24.64 2.20 0.48
N TRP C 85 -24.23 2.02 1.74
CA TRP C 85 -22.86 2.28 2.13
C TRP C 85 -21.96 1.17 1.63
N VAL C 86 -20.91 1.54 0.92
CA VAL C 86 -19.95 0.60 0.35
C VAL C 86 -18.54 1.05 0.72
N PHE C 87 -17.69 0.09 1.07
CA PHE C 87 -16.31 0.39 1.40
C PHE C 87 -15.55 0.85 0.15
N VAL C 88 -14.44 1.54 0.39
CA VAL C 88 -13.59 2.06 -0.68
C VAL C 88 -12.15 2.03 -0.22
N ASN C 89 -11.30 1.34 -0.98
CA ASN C 89 -9.87 1.23 -0.68
C ASN C 89 -9.08 1.75 -1.87
N ALA C 90 -8.23 2.74 -1.64
CA ALA C 90 -7.46 3.32 -2.72
C ALA C 90 -6.28 4.10 -2.15
N GLY C 91 -5.17 4.08 -2.90
CA GLY C 91 -3.99 4.84 -2.52
C GLY C 91 -3.44 4.52 -1.14
N GLY C 92 -3.74 3.35 -0.60
CA GLY C 92 -3.31 2.98 0.73
C GLY C 92 -4.25 3.36 1.84
N TRP C 93 -5.30 4.13 1.55
CA TRP C 93 -6.29 4.49 2.56
C TRP C 93 -7.59 3.72 2.33
N MET C 94 -8.43 3.71 3.36
CA MET C 94 -9.69 2.99 3.34
C MET C 94 -10.76 3.81 4.03
N GLY C 95 -11.93 3.89 3.39
CA GLY C 95 -13.08 4.56 3.98
C GLY C 95 -14.38 3.94 3.49
N ALA C 96 -15.50 4.64 3.67
CA ALA C 96 -16.79 4.18 3.19
C ALA C 96 -17.54 5.35 2.56
N MET C 97 -18.34 5.04 1.55
CA MET C 97 -19.08 6.05 0.80
C MET C 97 -20.51 5.59 0.57
N CYS C 98 -21.41 6.56 0.53
CA CYS C 98 -22.79 6.35 0.10
C CYS C 98 -23.08 7.34 -1.02
N LEU C 99 -23.33 6.82 -2.21
CA LEU C 99 -23.51 7.65 -3.40
C LEU C 99 -24.92 8.22 -3.45
N LEU C 100 -25.02 9.51 -3.79
CA LEU C 100 -26.31 10.18 -3.95
C LEU C 100 -26.59 10.61 -5.38
N HIS C 101 -25.55 11.00 -6.12
CA HIS C 101 -25.70 11.47 -7.49
C HIS C 101 -24.48 11.05 -8.28
N ALA C 102 -24.69 10.54 -9.49
CA ALA C 102 -23.58 10.06 -10.30
C ALA C 102 -23.91 10.22 -11.78
N SER C 103 -22.97 10.79 -12.52
CA SER C 103 -23.06 10.87 -13.97
C SER C 103 -21.64 10.88 -14.52
N LEU C 104 -21.50 11.22 -15.80
CA LEU C 104 -20.18 11.19 -16.43
C LEU C 104 -19.31 12.37 -16.02
N SER C 105 -19.90 13.48 -15.60
CA SER C 105 -19.15 14.66 -15.22
C SER C 105 -19.29 15.02 -13.74
N GLU C 106 -20.46 14.80 -13.16
CA GLU C 106 -20.72 15.18 -11.78
C GLU C 106 -20.97 13.95 -10.91
N TYR C 107 -20.53 14.03 -9.64
CA TYR C 107 -20.90 13.02 -8.67
C TYR C 107 -21.02 13.66 -7.29
N VAL C 108 -21.91 13.10 -6.47
CA VAL C 108 -22.14 13.55 -5.10
C VAL C 108 -22.22 12.32 -4.21
N LEU C 109 -21.55 12.37 -3.06
CA LEU C 109 -21.60 11.24 -2.14
C LEU C 109 -21.28 11.70 -0.73
N LEU C 110 -21.60 10.82 0.22
CA LEU C 110 -21.22 10.99 1.62
C LEU C 110 -20.04 10.07 1.89
N PHE C 111 -18.90 10.65 2.24
CA PHE C 111 -17.69 9.89 2.48
C PHE C 111 -17.32 9.95 3.95
N GLY C 112 -16.61 8.94 4.43
CA GLY C 112 -16.14 9.02 5.80
C GLY C 112 -15.38 7.79 6.22
N THR C 113 -15.04 7.76 7.51
CA THR C 113 -14.31 6.65 8.12
C THR C 113 -14.47 6.76 9.63
N ALA C 114 -14.68 5.61 10.28
CA ALA C 114 -14.83 5.56 11.72
C ALA C 114 -13.52 5.30 12.44
N LEU C 115 -12.51 4.78 11.74
CA LEU C 115 -11.21 4.48 12.35
C LEU C 115 -10.12 5.47 11.98
N GLY C 116 -10.29 6.25 10.92
CA GLY C 116 -9.21 7.09 10.42
C GLY C 116 -8.32 6.33 9.45
N SER C 117 -7.71 7.09 8.54
CA SER C 117 -6.89 6.47 7.50
C SER C 117 -5.95 7.51 6.91
N ARG C 118 -4.79 7.04 6.48
CA ARG C 118 -3.81 7.86 5.75
C ARG C 118 -3.60 7.27 4.36
N GLY C 119 -3.37 8.13 3.39
CA GLY C 119 -3.13 7.63 2.05
C GLY C 119 -2.88 8.73 1.05
N HIS C 120 -2.83 8.31 -0.22
CA HIS C 120 -2.57 9.18 -1.36
C HIS C 120 -3.89 9.54 -2.02
N SER C 121 -4.16 10.84 -2.18
CA SER C 121 -5.45 11.27 -2.69
C SER C 121 -5.67 10.86 -4.14
N GLY C 122 -4.59 10.74 -4.91
CA GLY C 122 -4.69 10.41 -6.31
C GLY C 122 -4.53 11.62 -7.21
N ARG C 123 -4.14 11.37 -8.45
CA ARG C 123 -3.95 12.41 -9.46
C ARG C 123 -4.85 12.10 -10.65
N TYR C 124 -5.91 12.88 -10.81
CA TYR C 124 -6.88 12.67 -11.88
C TYR C 124 -7.43 14.02 -12.31
N TRP C 125 -8.28 14.00 -13.34
CA TRP C 125 -8.80 15.22 -13.96
C TRP C 125 -10.21 15.48 -13.43
N ALA C 126 -10.27 16.07 -12.24
CA ALA C 126 -11.54 16.45 -11.62
C ALA C 126 -11.26 17.32 -10.41
N GLU C 127 -12.09 18.34 -10.22
CA GLU C 127 -12.03 19.18 -9.03
C GLU C 127 -13.06 18.67 -8.02
N ILE C 128 -12.60 18.37 -6.81
CA ILE C 128 -13.41 17.69 -5.80
C ILE C 128 -13.47 18.57 -4.56
N SER C 129 -14.65 18.65 -3.94
CA SER C 129 -14.85 19.44 -2.74
C SER C 129 -15.35 18.53 -1.62
N ASP C 130 -14.66 18.58 -0.48
CA ASP C 130 -15.01 17.79 0.71
C ASP C 130 -15.40 18.75 1.83
N THR C 131 -16.68 18.73 2.20
CA THR C 131 -17.20 19.58 3.27
C THR C 131 -17.33 18.74 4.54
N ILE C 132 -16.50 19.03 5.54
CA ILE C 132 -16.42 18.19 6.73
C ILE C 132 -17.67 18.36 7.57
N ILE C 133 -18.37 17.26 7.81
CA ILE C 133 -19.48 17.25 8.76
C ILE C 133 -18.98 17.00 10.18
N SER C 134 -18.01 16.09 10.33
CA SER C 134 -17.45 15.80 11.64
C SER C 134 -16.04 15.25 11.47
N GLY C 135 -15.24 15.36 12.53
CA GLY C 135 -13.89 14.86 12.50
C GLY C 135 -12.91 15.84 11.87
N THR C 136 -11.67 15.39 11.75
CA THR C 136 -10.58 16.20 11.24
C THR C 136 -10.12 15.71 9.87
N PHE C 137 -9.49 16.61 9.12
CA PHE C 137 -8.94 16.31 7.80
C PHE C 137 -7.57 16.95 7.72
N HIS C 138 -6.51 16.15 7.73
CA HIS C 138 -5.15 16.64 7.53
C HIS C 138 -4.77 16.45 6.07
N GLN C 139 -4.19 17.49 5.48
CA GLN C 139 -3.81 17.50 4.08
C GLN C 139 -2.36 17.93 3.96
N TRP C 140 -1.63 17.25 3.07
CA TRP C 140 -0.22 17.53 2.84
C TRP C 140 -0.02 17.72 1.35
N ARG C 141 0.17 18.98 0.93
CA ARG C 141 0.24 19.30 -0.49
C ARG C 141 1.61 18.93 -1.06
N GLU C 142 1.63 18.70 -2.37
CA GLU C 142 2.83 18.26 -3.05
C GLU C 142 3.90 19.34 -3.03
N GLY C 143 5.09 18.99 -2.53
CA GLY C 143 6.20 19.90 -2.55
C GLY C 143 6.33 20.80 -1.33
N THR C 144 5.74 20.43 -0.20
CA THR C 144 5.83 21.20 1.03
C THR C 144 6.32 20.30 2.15
N THR C 145 6.61 20.91 3.29
CA THR C 145 6.96 20.19 4.51
C THR C 145 6.01 20.54 5.65
N LYS C 146 4.82 21.01 5.34
CA LYS C 146 3.84 21.42 6.33
C LYS C 146 2.52 20.69 6.09
N SER C 147 1.75 20.55 7.16
CA SER C 147 0.45 19.90 7.12
C SER C 147 -0.64 20.90 7.50
N GLU C 148 -1.75 20.85 6.77
CA GLU C 148 -2.87 21.75 7.00
C GLU C 148 -4.05 20.96 7.55
N VAL C 149 -4.60 21.42 8.67
CA VAL C 149 -5.71 20.73 9.33
C VAL C 149 -7.00 21.48 9.04
N PHE C 150 -8.06 20.72 8.79
CA PHE C 150 -9.40 21.25 8.56
C PHE C 150 -10.37 20.57 9.52
N TYR C 151 -11.26 21.35 10.08
CA TYR C 151 -12.22 20.94 11.08
C TYR C 151 -13.63 20.97 10.52
N PRO C 152 -14.63 20.48 11.25
CA PRO C 152 -16.01 20.53 10.76
C PRO C 152 -16.43 21.94 10.34
N GLY C 153 -17.03 22.05 9.16
CA GLY C 153 -17.40 23.33 8.61
C GLY C 153 -16.54 23.71 7.41
N GLU C 154 -15.24 23.51 7.54
CA GLU C 154 -14.31 23.84 6.47
C GLU C 154 -14.51 22.92 5.27
N THR C 155 -13.99 23.36 4.12
CA THR C 155 -14.11 22.62 2.88
C THR C 155 -12.77 22.52 2.19
N VAL C 156 -12.34 21.30 1.88
CA VAL C 156 -11.08 21.03 1.21
C VAL C 156 -11.33 20.85 -0.28
N VAL C 157 -10.59 21.60 -1.09
CA VAL C 157 -10.74 21.56 -2.55
C VAL C 157 -9.52 20.86 -3.12
N HIS C 158 -9.71 19.61 -3.55
CA HIS C 158 -8.68 18.86 -4.26
C HIS C 158 -8.77 19.22 -5.74
N GLY C 159 -7.76 19.91 -6.24
CA GLY C 159 -7.78 20.41 -7.59
C GLY C 159 -7.26 19.41 -8.61
N PRO C 160 -7.69 19.56 -9.86
CA PRO C 160 -7.23 18.63 -10.91
C PRO C 160 -5.73 18.78 -11.15
N GLY C 161 -5.04 17.63 -11.17
CA GLY C 161 -3.60 17.59 -11.29
C GLY C 161 -2.86 17.61 -9.97
N GLU C 162 -3.38 18.32 -8.98
CA GLU C 162 -2.75 18.39 -7.67
C GLU C 162 -2.80 17.03 -6.99
N ALA C 163 -1.74 16.69 -6.26
CA ALA C 163 -1.63 15.43 -5.54
C ALA C 163 -1.31 15.73 -4.07
N THR C 164 -2.17 15.27 -3.18
CA THR C 164 -2.00 15.53 -1.75
C THR C 164 -2.03 14.22 -0.98
N ALA C 165 -1.35 14.21 0.16
CA ALA C 165 -1.46 13.12 1.13
C ALA C 165 -2.59 13.46 2.10
N VAL C 166 -3.58 12.57 2.18
CA VAL C 166 -4.77 12.81 2.98
C VAL C 166 -4.73 11.95 4.23
N GLU C 167 -5.32 12.49 5.31
CA GLU C 167 -5.39 11.78 6.58
C GLU C 167 -6.68 12.16 7.28
N TRP C 168 -7.57 11.18 7.47
CA TRP C 168 -8.79 11.39 8.22
C TRP C 168 -8.64 10.79 9.62
N GLY C 169 -9.11 11.54 10.61
CA GLY C 169 -9.11 11.04 11.97
C GLY C 169 -10.30 10.15 12.26
N PRO C 170 -10.38 9.69 13.50
CA PRO C 170 -11.54 8.87 13.90
C PRO C 170 -12.83 9.67 13.82
N ASN C 171 -13.89 8.98 13.40
CA ASN C 171 -15.23 9.58 13.29
C ASN C 171 -15.25 10.75 12.32
N THR C 172 -14.53 10.61 11.21
CA THR C 172 -14.49 11.66 10.19
C THR C 172 -15.58 11.40 9.16
N TRP C 173 -16.36 12.43 8.86
CA TRP C 173 -17.51 12.30 7.95
C TRP C 173 -17.68 13.61 7.20
N MET C 174 -17.86 13.51 5.87
CA MET C 174 -17.84 14.67 5.00
C MET C 174 -18.75 14.44 3.82
N VAL C 175 -19.10 15.54 3.15
CA VAL C 175 -19.91 15.54 1.95
C VAL C 175 -19.01 15.88 0.78
N GLU C 176 -18.96 15.01 -0.23
CA GLU C 176 -18.05 15.15 -1.35
C GLU C 176 -18.83 15.42 -2.63
N TYR C 177 -18.36 16.40 -3.40
CA TYR C 177 -18.90 16.72 -4.72
C TYR C 177 -17.73 16.82 -5.69
N GLY C 178 -17.87 16.19 -6.84
CA GLY C 178 -16.80 16.16 -7.82
C GLY C 178 -17.32 16.45 -9.21
N ARG C 179 -16.47 17.11 -10.00
CA ARG C 179 -16.82 17.56 -11.34
C ARG C 179 -15.60 17.39 -12.24
N GLY C 180 -15.76 16.67 -13.33
CA GLY C 180 -14.67 16.42 -14.26
C GLY C 180 -14.89 15.12 -15.02
N VAL C 181 -13.79 14.44 -15.31
CA VAL C 181 -13.84 13.16 -16.02
C VAL C 181 -13.82 12.07 -14.95
N ILE C 182 -15.01 11.62 -14.56
CA ILE C 182 -15.18 10.62 -13.51
C ILE C 182 -14.62 9.26 -13.93
N PRO C 183 -14.80 8.82 -15.20
CA PRO C 183 -14.10 7.60 -15.62
C PRO C 183 -12.60 7.64 -15.41
N SER C 184 -11.98 8.82 -15.48
CA SER C 184 -10.56 8.91 -15.17
C SER C 184 -10.30 8.72 -13.68
N THR C 185 -11.28 9.04 -12.83
CA THR C 185 -11.14 8.75 -11.40
C THR C 185 -11.36 7.28 -11.11
N LEU C 186 -12.20 6.60 -11.90
CA LEU C 186 -12.53 5.21 -11.62
C LEU C 186 -11.35 4.26 -11.81
N ALA C 187 -10.33 4.66 -12.57
CA ALA C 187 -9.14 3.81 -12.69
C ALA C 187 -8.39 3.75 -11.37
N PHE C 188 -8.02 4.92 -10.82
CA PHE C 188 -7.48 5.00 -9.48
C PHE C 188 -8.44 4.44 -8.44
N ALA C 189 -9.74 4.42 -8.75
CA ALA C 189 -10.73 4.02 -7.75
C ALA C 189 -10.58 2.56 -7.36
N LEU C 190 -10.32 1.69 -8.33
CA LEU C 190 -10.41 0.25 -8.13
C LEU C 190 -9.05 -0.41 -8.04
N ALA C 191 -7.97 0.36 -7.88
CA ALA C 191 -6.63 -0.22 -7.87
C ALA C 191 -6.41 -1.09 -6.64
N ASP C 192 -6.61 -0.53 -5.44
CA ASP C 192 -6.42 -1.30 -4.23
C ASP C 192 -7.47 -2.39 -4.05
N THR C 193 -8.64 -2.25 -4.70
CA THR C 193 -9.62 -3.33 -4.65
C THR C 193 -9.16 -4.54 -5.45
N VAL C 194 -8.41 -4.31 -6.54
CA VAL C 194 -7.96 -5.40 -7.39
C VAL C 194 -6.64 -5.99 -6.89
N PHE C 195 -5.71 -5.15 -6.45
CA PHE C 195 -4.35 -5.60 -6.17
C PHE C 195 -4.03 -5.69 -4.68
N SER C 196 -5.04 -5.58 -3.81
CA SER C 196 -4.76 -5.65 -2.38
C SER C 196 -5.85 -6.41 -1.62
N THR C 197 -7.06 -5.87 -1.60
CA THR C 197 -8.11 -6.45 -0.78
C THR C 197 -8.75 -7.68 -1.42
N GLN C 198 -8.78 -7.75 -2.74
CA GLN C 198 -9.49 -8.78 -3.50
C GLN C 198 -10.98 -8.76 -3.22
N ASP C 199 -11.49 -7.72 -2.58
CA ASP C 199 -12.89 -7.60 -2.21
C ASP C 199 -13.70 -7.28 -3.46
N PHE C 200 -13.99 -8.32 -4.25
CA PHE C 200 -14.68 -8.12 -5.52
C PHE C 200 -16.15 -7.80 -5.33
N LEU C 201 -16.74 -8.18 -4.20
CA LEU C 201 -18.13 -7.80 -3.93
C LEU C 201 -18.24 -6.30 -3.70
N THR C 202 -17.24 -5.71 -3.06
CA THR C 202 -17.20 -4.24 -2.94
C THR C 202 -17.05 -3.60 -4.31
N LEU C 203 -16.24 -4.20 -5.18
CA LEU C 203 -16.12 -3.70 -6.55
C LEU C 203 -17.46 -3.73 -7.26
N PHE C 204 -18.20 -4.84 -7.12
CA PHE C 204 -19.51 -4.93 -7.74
C PHE C 204 -20.48 -3.90 -7.16
N TYR C 205 -20.42 -3.68 -5.86
CA TYR C 205 -21.29 -2.68 -5.24
C TYR C 205 -21.00 -1.29 -5.77
N THR C 206 -19.72 -0.94 -5.89
CA THR C 206 -19.34 0.37 -6.43
C THR C 206 -19.83 0.52 -7.87
N LEU C 207 -19.56 -0.49 -8.70
CA LEU C 207 -20.01 -0.41 -10.10
C LEU C 207 -21.52 -0.36 -10.20
N ARG C 208 -22.23 -1.06 -9.30
CA ARG C 208 -23.69 -1.04 -9.34
C ARG C 208 -24.24 0.31 -8.92
N SER C 209 -23.62 0.95 -7.92
CA SER C 209 -24.03 2.30 -7.55
C SER C 209 -23.79 3.28 -8.69
N TYR C 210 -22.64 3.16 -9.35
CA TYR C 210 -22.35 4.04 -10.49
C TYR C 210 -23.36 3.82 -11.61
N ALA C 211 -23.70 2.56 -11.89
CA ALA C 211 -24.69 2.26 -12.93
C ALA C 211 -26.07 2.78 -12.55
N ARG C 212 -26.43 2.70 -11.27
CA ARG C 212 -27.73 3.22 -10.83
C ARG C 212 -27.79 4.73 -10.98
N GLY C 213 -26.71 5.43 -10.62
CA GLY C 213 -26.66 6.86 -10.83
C GLY C 213 -26.76 7.24 -12.30
N LEU C 214 -26.02 6.53 -13.15
CA LEU C 214 -26.10 6.77 -14.59
C LEU C 214 -27.50 6.53 -15.12
N ARG C 215 -28.17 5.48 -14.64
CA ARG C 215 -29.51 5.18 -15.12
C ARG C 215 -30.50 6.25 -14.66
N LEU C 216 -30.38 6.71 -13.41
CA LEU C 216 -31.24 7.79 -12.94
C LEU C 216 -31.05 9.06 -13.76
N GLU C 217 -29.80 9.40 -14.07
CA GLU C 217 -29.55 10.60 -14.86
C GLU C 217 -30.08 10.44 -16.29
N LEU C 218 -29.92 9.24 -16.88
CA LEU C 218 -30.44 9.01 -18.21
C LEU C 218 -31.97 9.11 -18.23
N THR C 219 -32.64 8.57 -17.20
CA THR C 219 -34.09 8.66 -17.13
C THR C 219 -34.54 10.11 -17.00
N THR C 220 -33.91 10.85 -16.07
CA THR C 220 -34.28 12.25 -15.88
C THR C 220 -33.95 13.09 -17.12
N TYR C 221 -32.98 12.67 -17.92
CA TYR C 221 -32.67 13.42 -19.14
C TYR C 221 -33.70 13.13 -20.23
N LEU C 222 -34.04 11.86 -20.44
CA LEU C 222 -34.94 11.50 -21.53
C LEU C 222 -36.40 11.83 -21.22
N PHE C 223 -36.80 11.80 -19.95
CA PHE C 223 -38.19 12.04 -19.59
C PHE C 223 -38.27 13.09 -18.49
N GLY C 224 -37.62 12.84 -17.37
CA GLY C 224 -37.47 13.86 -16.34
C GLY C 224 -38.76 14.25 -15.62
N GLN C 225 -38.63 15.31 -14.83
CA GLN C 225 -39.72 15.87 -14.03
C GLN C 225 -40.32 14.81 -13.11
#